data_4P9T
#
_entry.id   4P9T
#
_cell.length_a   68.777
_cell.length_b   68.777
_cell.length_c   207.965
_cell.angle_alpha   90.00
_cell.angle_beta   90.00
_cell.angle_gamma   120.00
#
_symmetry.space_group_name_H-M   'P 31'
#
loop_
_entity.id
_entity.type
_entity.pdbx_description
1 polymer 'Catenin alpha-2'
2 non-polymer 'IODIDE ION'
3 non-polymer 1,2-ETHANEDIOL
4 non-polymer DI(HYDROXYETHYL)ETHER
5 water water
#
_entity_poly.entity_id   1
_entity_poly.type   'polypeptide(L)'
_entity_poly.pdbx_seq_one_letter_code
;GPMTSATSPIILKWDPKSLEIRTLTVERLLEPLVTQVTTLVNTSNKGPSGKKKGRSKKAHVLAASVEQATQNFLEKGEQI
AKESQDLKEELVAAVEDVRKQGETMRIASSEFADDPCSSVKRGTMVRAARALLSAVTRLLILADMADVMRLLSHLKIVEE
ALEAVKNATNEQDLANRFKEFGKEMVKLNYVAARRQQELKDPHCRDEMAAARGALKKNATMLYTASQAFLRHPDVAATRA
NRDYVFKQVQEAIAGISSAAQAT
;
_entity_poly.pdbx_strand_id   A,B,C,D
#
loop_
_chem_comp.id
_chem_comp.type
_chem_comp.name
_chem_comp.formula
EDO non-polymer 1,2-ETHANEDIOL 'C2 H6 O2'
IOD non-polymer 'IODIDE ION' 'I -1'
PEG non-polymer DI(HYDROXYETHYL)ETHER 'C4 H10 O3'
#
# COMPACT_ATOMS: atom_id res chain seq x y z
N GLU A 20 28.53 -20.78 -6.56
CA GLU A 20 28.21 -21.04 -5.15
C GLU A 20 28.54 -19.85 -4.26
N ILE A 21 27.53 -19.34 -3.57
CA ILE A 21 27.70 -18.26 -2.60
C ILE A 21 27.71 -18.88 -1.19
N ARG A 22 28.75 -18.56 -0.41
CA ARG A 22 28.94 -19.23 0.87
C ARG A 22 28.59 -18.32 2.06
N THR A 23 27.50 -18.68 2.72
CA THR A 23 26.97 -17.97 3.87
C THR A 23 25.95 -18.91 4.49
N LEU A 24 25.97 -19.03 5.80
CA LEU A 24 25.06 -19.93 6.50
C LEU A 24 23.59 -19.50 6.36
N THR A 25 23.35 -18.21 6.26
CA THR A 25 21.97 -17.73 6.08
C THR A 25 21.46 -18.14 4.71
N VAL A 26 22.31 -17.94 3.71
CA VAL A 26 21.99 -18.32 2.34
C VAL A 26 21.73 -19.81 2.25
N GLU A 27 22.61 -20.61 2.81
CA GLU A 27 22.48 -22.07 2.76
C GLU A 27 21.22 -22.55 3.50
N ARG A 28 20.91 -21.92 4.64
CA ARG A 28 19.79 -22.33 5.46
C ARG A 28 18.45 -21.93 4.82
N LEU A 29 18.39 -20.74 4.25
CA LEU A 29 17.18 -20.30 3.54
C LEU A 29 16.96 -21.12 2.27
N LEU A 30 18.04 -21.40 1.55
CA LEU A 30 17.96 -22.14 0.30
C LEU A 30 17.54 -23.58 0.49
N GLU A 31 18.26 -24.30 1.35
CA GLU A 31 18.12 -25.76 1.48
C GLU A 31 16.69 -26.32 1.38
N PRO A 32 15.78 -25.92 2.31
CA PRO A 32 14.47 -26.58 2.29
C PRO A 32 13.77 -26.44 0.94
N LEU A 33 13.52 -25.19 0.51
CA LEU A 33 12.86 -24.91 -0.75
C LEU A 33 13.45 -25.70 -1.93
N VAL A 34 14.76 -25.64 -2.08
CA VAL A 34 15.44 -26.34 -3.17
C VAL A 34 15.23 -27.86 -3.11
N THR A 35 15.24 -28.43 -1.90
CA THR A 35 15.07 -29.88 -1.81
C THR A 35 13.63 -30.30 -2.14
N GLN A 36 12.65 -29.58 -1.58
CA GLN A 36 11.25 -29.82 -1.94
C GLN A 36 11.06 -29.77 -3.45
N VAL A 37 11.49 -28.66 -4.05
CA VAL A 37 11.33 -28.47 -5.47
C VAL A 37 12.02 -29.57 -6.27
N THR A 38 13.24 -29.90 -5.91
CA THR A 38 14.00 -30.93 -6.64
C THR A 38 13.29 -32.28 -6.59
N THR A 39 12.81 -32.64 -5.40
CA THR A 39 12.07 -33.88 -5.22
C THR A 39 10.85 -33.89 -6.13
N LEU A 40 10.07 -32.81 -6.08
CA LEU A 40 8.86 -32.68 -6.88
C LEU A 40 9.15 -32.78 -8.38
N VAL A 41 10.26 -32.19 -8.81
CA VAL A 41 10.66 -32.27 -10.20
C VAL A 41 11.07 -33.69 -10.57
N ASN A 42 11.52 -34.46 -9.58
CA ASN A 42 11.96 -35.82 -9.87
C ASN A 42 10.89 -36.91 -9.66
N THR A 43 9.62 -36.54 -9.81
CA THR A 43 8.53 -37.50 -9.67
C THR A 43 7.22 -36.92 -10.17
N SER A 56 -0.35 -39.66 -8.02
CA SER A 56 -1.11 -38.42 -8.12
C SER A 56 -1.50 -37.88 -6.75
N LYS A 57 -1.80 -38.78 -5.82
CA LYS A 57 -2.15 -38.38 -4.46
C LYS A 57 -0.92 -37.79 -3.76
N LYS A 58 0.23 -38.42 -3.99
CA LYS A 58 1.48 -38.03 -3.35
C LYS A 58 2.13 -36.84 -4.05
N ALA A 59 1.93 -36.75 -5.36
CA ALA A 59 2.43 -35.62 -6.14
C ALA A 59 1.85 -34.31 -5.60
N HIS A 60 0.57 -34.35 -5.24
CA HIS A 60 -0.08 -33.20 -4.63
C HIS A 60 0.55 -32.87 -3.28
N VAL A 61 1.00 -33.90 -2.57
CA VAL A 61 1.63 -33.71 -1.28
C VAL A 61 2.94 -32.96 -1.47
N LEU A 62 3.77 -33.46 -2.38
CA LEU A 62 5.02 -32.78 -2.74
C LEU A 62 4.76 -31.32 -3.11
N ALA A 63 3.77 -31.09 -3.96
CA ALA A 63 3.39 -29.72 -4.33
C ALA A 63 3.01 -28.88 -3.11
N ALA A 64 2.36 -29.54 -2.15
CA ALA A 64 1.94 -28.86 -0.92
C ALA A 64 3.15 -28.42 -0.12
N SER A 65 4.11 -29.34 0.00
CA SER A 65 5.34 -29.08 0.71
C SER A 65 6.07 -27.91 0.06
N VAL A 66 6.19 -27.95 -1.27
CA VAL A 66 6.80 -26.87 -2.01
C VAL A 66 6.11 -25.54 -1.72
N GLU A 67 4.79 -25.55 -1.65
CA GLU A 67 4.06 -24.31 -1.35
C GLU A 67 4.35 -23.80 0.07
N GLN A 68 4.46 -24.73 1.02
CA GLN A 68 4.80 -24.39 2.39
C GLN A 68 6.17 -23.72 2.42
N ALA A 69 7.18 -24.47 1.97
CA ALA A 69 8.54 -23.98 1.83
C ALA A 69 8.60 -22.60 1.18
N THR A 70 7.79 -22.42 0.14
CA THR A 70 7.76 -21.17 -0.59
C THR A 70 7.27 -20.03 0.29
N GLN A 71 6.20 -20.28 1.03
CA GLN A 71 5.61 -19.20 1.79
C GLN A 71 6.44 -18.86 3.02
N ASN A 72 7.00 -19.85 3.69
CA ASN A 72 7.81 -19.52 4.86
C ASN A 72 9.14 -18.89 4.44
N PHE A 73 9.70 -19.31 3.30
CA PHE A 73 10.82 -18.57 2.72
C PHE A 73 10.41 -17.13 2.43
N LEU A 74 9.16 -16.93 2.00
CA LEU A 74 8.69 -15.59 1.68
C LEU A 74 8.64 -14.71 2.93
N GLU A 75 8.28 -15.32 4.04
CA GLU A 75 8.30 -14.65 5.34
C GLU A 75 9.71 -14.12 5.63
N LYS A 76 10.67 -15.04 5.68
CA LYS A 76 12.07 -14.71 5.94
C LYS A 76 12.55 -13.61 4.99
N GLY A 77 12.11 -13.69 3.74
CA GLY A 77 12.49 -12.72 2.73
C GLY A 77 11.97 -11.31 2.98
N GLU A 78 10.70 -11.18 3.33
CA GLU A 78 10.17 -9.85 3.59
C GLU A 78 10.80 -9.27 4.87
N GLN A 79 11.05 -10.14 5.87
CA GLN A 79 11.83 -9.71 7.04
C GLN A 79 13.17 -9.11 6.63
N ILE A 80 13.93 -9.86 5.83
CA ILE A 80 15.21 -9.37 5.30
C ILE A 80 15.06 -8.02 4.62
N ALA A 81 14.01 -7.87 3.81
CA ALA A 81 13.75 -6.62 3.12
C ALA A 81 13.57 -5.48 4.11
N LYS A 82 12.83 -5.75 5.19
CA LYS A 82 12.57 -4.74 6.21
C LYS A 82 13.87 -4.32 6.92
N GLU A 83 14.61 -5.30 7.41
CA GLU A 83 15.83 -5.05 8.18
C GLU A 83 16.89 -4.26 7.43
N SER A 84 16.94 -4.41 6.11
CA SER A 84 18.05 -3.85 5.34
C SER A 84 18.09 -2.32 5.32
N GLN A 85 19.31 -1.80 5.37
CA GLN A 85 19.57 -0.36 5.33
C GLN A 85 20.23 -0.01 4.00
N ASP A 86 20.71 -1.02 3.29
CA ASP A 86 21.28 -0.83 1.96
C ASP A 86 20.52 -1.65 0.92
N LEU A 87 20.23 -1.03 -0.23
CA LEU A 87 19.47 -1.64 -1.33
C LEU A 87 18.09 -2.13 -0.89
N LYS A 88 17.36 -1.31 -0.15
CA LYS A 88 16.08 -1.71 0.42
C LYS A 88 14.99 -1.93 -0.63
N GLU A 89 14.75 -0.90 -1.44
CA GLU A 89 13.75 -0.94 -2.51
C GLU A 89 13.94 -2.16 -3.41
N GLU A 90 15.16 -2.32 -3.91
CA GLU A 90 15.53 -3.45 -4.73
C GLU A 90 15.14 -4.78 -4.06
N LEU A 91 15.39 -4.89 -2.76
CA LEU A 91 15.07 -6.11 -2.03
C LEU A 91 13.58 -6.32 -2.03
N VAL A 92 12.82 -5.25 -1.85
CA VAL A 92 11.36 -5.36 -1.84
C VAL A 92 10.84 -5.90 -3.19
N ALA A 93 11.33 -5.29 -4.26
CA ALA A 93 11.00 -5.73 -5.61
C ALA A 93 11.33 -7.20 -5.81
N ALA A 94 12.52 -7.60 -5.36
CA ALA A 94 12.96 -8.98 -5.50
C ALA A 94 12.06 -9.94 -4.75
N VAL A 95 11.55 -9.48 -3.62
CA VAL A 95 10.61 -10.28 -2.84
C VAL A 95 9.30 -10.45 -3.59
N GLU A 96 8.79 -9.34 -4.14
CA GLU A 96 7.58 -9.38 -4.96
C GLU A 96 7.72 -10.33 -6.16
N ASP A 97 8.87 -10.26 -6.81
CA ASP A 97 9.20 -11.15 -7.92
C ASP A 97 9.19 -12.61 -7.46
N VAL A 98 9.67 -12.85 -6.25
CA VAL A 98 9.63 -14.21 -5.70
C VAL A 98 8.18 -14.63 -5.47
N ARG A 99 7.36 -13.67 -5.05
CA ARG A 99 5.94 -13.96 -4.81
C ARG A 99 5.26 -14.42 -6.12
N LYS A 100 5.47 -13.66 -7.19
CA LYS A 100 4.88 -14.01 -8.49
C LYS A 100 5.36 -15.38 -8.97
N GLN A 101 6.68 -15.57 -9.04
CA GLN A 101 7.21 -16.86 -9.49
C GLN A 101 6.69 -18.01 -8.63
N GLY A 102 6.37 -17.69 -7.38
CA GLY A 102 5.86 -18.68 -6.45
C GLY A 102 4.45 -19.06 -6.80
N GLU A 103 3.65 -18.06 -7.15
CA GLU A 103 2.27 -18.29 -7.59
C GLU A 103 2.23 -19.13 -8.87
N THR A 104 2.98 -18.69 -9.89
CA THR A 104 3.12 -19.44 -11.12
C THR A 104 3.53 -20.89 -10.85
N MET A 105 4.48 -21.07 -9.93
CA MET A 105 4.95 -22.40 -9.59
C MET A 105 3.84 -23.24 -8.95
N ARG A 106 3.05 -22.61 -8.09
CA ARG A 106 1.96 -23.30 -7.42
C ARG A 106 0.95 -23.81 -8.43
N ILE A 107 0.49 -22.89 -9.28
CA ILE A 107 -0.48 -23.23 -10.32
C ILE A 107 0.03 -24.35 -11.23
N ALA A 108 1.20 -24.13 -11.83
CA ALA A 108 1.81 -25.14 -12.68
C ALA A 108 1.93 -26.49 -11.98
N SER A 109 2.25 -26.47 -10.69
CA SER A 109 2.49 -27.72 -9.94
C SER A 109 1.22 -28.44 -9.56
N SER A 110 0.13 -27.71 -9.34
CA SER A 110 -1.14 -28.36 -9.08
C SER A 110 -1.63 -28.98 -10.39
N GLU A 111 -1.57 -28.21 -11.47
CA GLU A 111 -2.00 -28.73 -12.78
C GLU A 111 -1.14 -29.92 -13.18
N PHE A 112 0.08 -29.96 -12.67
CA PHE A 112 0.94 -31.12 -12.89
C PHE A 112 0.47 -32.29 -12.03
N ALA A 113 0.06 -31.97 -10.82
CA ALA A 113 -0.33 -32.99 -9.85
C ALA A 113 -1.59 -33.73 -10.30
N ASP A 114 -2.56 -32.96 -10.77
CA ASP A 114 -3.79 -33.52 -11.31
C ASP A 114 -3.52 -34.49 -12.46
N ASP A 115 -2.48 -34.23 -13.25
CA ASP A 115 -2.13 -35.10 -14.35
C ASP A 115 -0.62 -35.39 -14.41
N PRO A 116 -0.15 -36.29 -13.53
CA PRO A 116 1.26 -36.63 -13.30
C PRO A 116 2.08 -37.01 -14.54
N CYS A 117 1.57 -37.87 -15.41
CA CYS A 117 2.38 -38.39 -16.50
C CYS A 117 2.44 -37.43 -17.68
N SER A 118 1.77 -36.28 -17.55
CA SER A 118 1.71 -35.32 -18.65
C SER A 118 3.06 -34.63 -18.88
N SER A 119 3.66 -34.91 -20.04
CA SER A 119 4.95 -34.34 -20.37
C SER A 119 4.90 -32.83 -20.47
N VAL A 120 3.88 -32.32 -21.15
CA VAL A 120 3.71 -30.88 -21.30
C VAL A 120 3.53 -30.16 -19.96
N LYS A 121 2.64 -30.70 -19.12
CA LYS A 121 2.38 -30.12 -17.81
C LYS A 121 3.65 -30.17 -16.94
N ARG A 122 4.42 -31.25 -17.09
CA ARG A 122 5.71 -31.39 -16.41
C ARG A 122 6.67 -30.29 -16.85
N GLY A 123 6.76 -30.07 -18.16
CA GLY A 123 7.61 -29.05 -18.72
C GLY A 123 7.26 -27.70 -18.16
N THR A 124 5.96 -27.40 -18.13
CA THR A 124 5.51 -26.12 -17.59
C THR A 124 5.94 -25.98 -16.14
N MET A 125 5.77 -27.07 -15.38
CA MET A 125 6.10 -27.05 -13.98
C MET A 125 7.59 -26.80 -13.74
N VAL A 126 8.43 -27.52 -14.48
CA VAL A 126 9.87 -27.41 -14.34
C VAL A 126 10.38 -26.02 -14.74
N ARG A 127 9.85 -25.47 -15.82
CA ARG A 127 10.21 -24.12 -16.20
C ARG A 127 9.83 -23.17 -15.07
N ALA A 128 8.66 -23.39 -14.48
CA ALA A 128 8.19 -22.52 -13.41
C ALA A 128 9.10 -22.63 -12.19
N ALA A 129 9.57 -23.84 -11.92
CA ALA A 129 10.49 -24.12 -10.84
C ALA A 129 11.83 -23.41 -11.01
N ARG A 130 12.46 -23.59 -12.17
CA ARG A 130 13.69 -22.87 -12.49
C ARG A 130 13.48 -21.37 -12.31
N ALA A 131 12.34 -20.87 -12.76
CA ALA A 131 12.08 -19.44 -12.62
C ALA A 131 12.04 -19.03 -11.15
N LEU A 132 11.39 -19.85 -10.34
CA LEU A 132 11.29 -19.59 -8.90
C LEU A 132 12.65 -19.57 -8.22
N LEU A 133 13.40 -20.65 -8.36
CA LEU A 133 14.72 -20.75 -7.76
C LEU A 133 15.61 -19.61 -8.23
N SER A 134 15.51 -19.24 -9.49
CA SER A 134 16.28 -18.11 -10.00
C SER A 134 15.92 -16.80 -9.27
N ALA A 135 14.63 -16.58 -9.06
CA ALA A 135 14.18 -15.39 -8.34
C ALA A 135 14.71 -15.35 -6.91
N VAL A 136 14.61 -16.50 -6.24
CA VAL A 136 15.14 -16.70 -4.90
C VAL A 136 16.63 -16.36 -4.83
N THR A 137 17.39 -17.00 -5.70
CA THR A 137 18.82 -16.76 -5.88
C THR A 137 19.16 -15.29 -6.09
N ARG A 138 18.36 -14.61 -6.90
CA ARG A 138 18.60 -13.21 -7.15
C ARG A 138 18.41 -12.43 -5.87
N LEU A 139 17.37 -12.81 -5.12
CA LEU A 139 17.05 -12.15 -3.87
C LEU A 139 18.21 -12.29 -2.88
N LEU A 140 18.69 -13.52 -2.70
CA LEU A 140 19.78 -13.81 -1.79
C LEU A 140 21.08 -13.10 -2.19
N ILE A 141 21.44 -13.15 -3.48
CA ILE A 141 22.66 -12.49 -3.93
C ILE A 141 22.58 -10.97 -3.67
N LEU A 142 21.44 -10.40 -4.00
CA LEU A 142 21.19 -9.00 -3.69
C LEU A 142 21.40 -8.70 -2.20
N ALA A 143 20.84 -9.56 -1.35
CA ALA A 143 20.90 -9.39 0.10
C ALA A 143 22.32 -9.45 0.67
N ASP A 144 23.02 -10.53 0.31
CA ASP A 144 24.44 -10.68 0.60
C ASP A 144 25.22 -9.41 0.24
N MET A 145 24.93 -8.88 -0.96
CA MET A 145 25.58 -7.66 -1.42
C MET A 145 25.26 -6.48 -0.49
N ALA A 146 24.02 -6.44 0.00
CA ALA A 146 23.64 -5.37 0.93
C ALA A 146 24.49 -5.43 2.20
N ASP A 147 24.59 -6.63 2.77
CA ASP A 147 25.40 -6.87 3.97
C ASP A 147 26.86 -6.42 3.78
N VAL A 148 27.49 -6.97 2.74
CA VAL A 148 28.86 -6.60 2.40
C VAL A 148 29.04 -5.09 2.27
N MET A 149 28.05 -4.42 1.68
CA MET A 149 28.14 -2.97 1.50
C MET A 149 28.04 -2.18 2.81
N ARG A 150 27.20 -2.67 3.71
CA ARG A 150 27.13 -2.11 5.05
C ARG A 150 28.52 -2.20 5.72
N LEU A 151 29.05 -3.42 5.76
CA LEU A 151 30.36 -3.66 6.34
C LEU A 151 31.42 -2.73 5.79
N LEU A 152 31.46 -2.62 4.46
CA LEU A 152 32.48 -1.81 3.79
C LEU A 152 32.32 -0.33 4.12
N SER A 153 31.06 0.09 4.31
CA SER A 153 30.80 1.48 4.64
C SER A 153 31.44 1.76 6.00
N HIS A 154 31.13 0.89 6.96
CA HIS A 154 31.74 0.99 8.27
C HIS A 154 33.28 1.01 8.19
N LEU A 155 33.86 0.05 7.47
CA LEU A 155 35.31 -0.01 7.31
C LEU A 155 35.90 1.30 6.79
N LYS A 156 35.26 1.91 5.79
CA LYS A 156 35.80 3.17 5.24
C LYS A 156 35.74 4.26 6.28
N ILE A 157 34.61 4.35 6.97
CA ILE A 157 34.46 5.32 8.06
C ILE A 157 35.53 5.17 9.18
N VAL A 158 35.79 3.95 9.62
CA VAL A 158 36.80 3.68 10.63
C VAL A 158 38.19 4.02 10.11
N GLU A 159 38.49 3.61 8.87
CA GLU A 159 39.78 3.95 8.28
C GLU A 159 40.01 5.44 8.33
N GLU A 160 38.99 6.20 7.92
CA GLU A 160 39.14 7.64 7.89
C GLU A 160 39.32 8.19 9.29
N ALA A 161 38.56 7.67 10.25
CA ALA A 161 38.68 8.13 11.63
C ALA A 161 40.10 7.90 12.20
N LEU A 162 40.67 6.76 11.88
CA LEU A 162 42.00 6.45 12.34
C LEU A 162 43.03 7.33 11.60
N GLU A 163 42.83 7.58 10.32
CA GLU A 163 43.67 8.56 9.62
C GLU A 163 43.64 9.91 10.34
N ALA A 164 42.47 10.31 10.80
CA ALA A 164 42.41 11.56 11.54
C ALA A 164 43.16 11.41 12.86
N VAL A 165 43.17 10.21 13.43
CA VAL A 165 43.96 10.00 14.64
C VAL A 165 45.44 10.20 14.35
N LYS A 166 45.94 9.53 13.32
CA LYS A 166 47.29 9.69 12.82
C LYS A 166 47.65 11.15 12.57
N ASN A 167 46.74 11.93 12.00
CA ASN A 167 47.13 13.29 11.62
C ASN A 167 46.90 14.37 12.67
N ALA A 168 46.39 14.00 13.85
CA ALA A 168 46.19 15.00 14.91
C ALA A 168 47.51 15.67 15.30
N THR A 169 47.44 16.91 15.76
CA THR A 169 48.64 17.72 15.97
C THR A 169 48.90 18.10 17.42
N ASN A 170 47.99 17.73 18.32
CA ASN A 170 48.18 17.96 19.75
C ASN A 170 47.34 17.00 20.58
N GLU A 171 47.60 16.93 21.89
CA GLU A 171 46.98 15.90 22.72
C GLU A 171 45.45 16.04 22.74
N GLN A 172 44.96 17.28 22.82
CA GLN A 172 43.52 17.52 22.84
C GLN A 172 42.84 16.97 21.57
N ASP A 173 43.35 17.40 20.41
CA ASP A 173 42.76 16.97 19.15
C ASP A 173 42.97 15.48 18.91
N LEU A 174 44.08 14.92 19.41
CA LEU A 174 44.29 13.47 19.35
C LEU A 174 43.22 12.71 20.12
N ALA A 175 42.95 13.19 21.34
CA ALA A 175 41.91 12.61 22.17
C ALA A 175 40.53 12.71 21.49
N ASN A 176 40.24 13.84 20.88
CA ASN A 176 38.96 13.98 20.21
C ASN A 176 38.83 13.06 18.99
N ARG A 177 39.86 12.99 18.15
CA ARG A 177 39.79 12.12 16.99
C ARG A 177 39.67 10.66 17.45
N PHE A 178 40.29 10.32 18.58
CA PHE A 178 40.19 8.94 19.03
C PHE A 178 38.79 8.66 19.59
N LYS A 179 38.20 9.69 20.19
CA LYS A 179 36.82 9.65 20.67
C LYS A 179 35.87 9.31 19.50
N GLU A 180 36.01 10.03 18.40
CA GLU A 180 35.22 9.79 17.18
C GLU A 180 35.44 8.39 16.62
N PHE A 181 36.71 8.00 16.56
CA PHE A 181 37.04 6.68 16.07
C PHE A 181 36.29 5.63 16.87
N GLY A 182 36.27 5.78 18.20
CA GLY A 182 35.64 4.76 19.04
C GLY A 182 34.17 4.54 18.70
N LYS A 183 33.45 5.66 18.52
CA LYS A 183 32.04 5.65 18.18
C LYS A 183 31.79 4.88 16.89
N GLU A 184 32.61 5.12 15.87
CA GLU A 184 32.49 4.30 14.65
C GLU A 184 32.87 2.82 14.86
N MET A 185 33.89 2.63 15.69
CA MET A 185 34.49 1.32 15.86
C MET A 185 33.49 0.34 16.44
N VAL A 186 32.66 0.84 17.35
CA VAL A 186 31.69 -0.05 17.99
C VAL A 186 30.58 -0.49 17.00
N LYS A 187 30.24 0.37 16.05
CA LYS A 187 29.29 -0.03 15.02
C LYS A 187 29.94 -1.10 14.17
N LEU A 188 31.11 -0.77 13.63
CA LEU A 188 31.85 -1.72 12.78
C LEU A 188 32.05 -3.09 13.42
N ASN A 189 32.22 -3.13 14.74
CA ASN A 189 32.57 -4.37 15.41
C ASN A 189 31.46 -5.43 15.38
N TYR A 190 30.21 -5.00 15.60
CA TYR A 190 29.11 -5.95 15.60
C TYR A 190 28.88 -6.47 14.19
N VAL A 191 28.76 -5.54 13.24
CA VAL A 191 28.62 -5.86 11.83
C VAL A 191 29.66 -6.88 11.36
N ALA A 192 30.92 -6.58 11.64
CA ALA A 192 32.02 -7.45 11.24
C ALA A 192 31.93 -8.81 11.92
N ALA A 193 31.57 -8.82 13.21
CA ALA A 193 31.44 -10.10 13.93
C ALA A 193 30.28 -10.97 13.40
N ARG A 194 29.15 -10.33 13.12
CA ARG A 194 27.98 -10.92 12.48
C ARG A 194 28.39 -11.58 11.16
N ARG A 195 29.08 -10.79 10.35
CA ARG A 195 29.54 -11.26 9.05
C ARG A 195 30.43 -12.47 9.24
N GLN A 196 31.32 -12.36 10.23
CA GLN A 196 32.27 -13.43 10.53
C GLN A 196 31.52 -14.72 10.87
N GLN A 197 30.42 -14.57 11.61
CA GLN A 197 29.57 -15.70 12.00
C GLN A 197 28.86 -16.34 10.80
N GLU A 198 28.65 -15.56 9.74
CA GLU A 198 28.00 -16.11 8.54
C GLU A 198 28.88 -16.99 7.64
N LEU A 199 30.20 -16.76 7.63
CA LEU A 199 31.06 -17.45 6.68
C LEU A 199 31.14 -18.96 6.94
N LYS A 200 30.85 -19.75 5.91
CA LYS A 200 30.79 -21.20 6.05
C LYS A 200 32.18 -21.83 6.15
N ASP A 201 33.12 -21.30 5.36
CA ASP A 201 34.49 -21.81 5.32
C ASP A 201 35.34 -21.27 6.49
N PRO A 202 35.73 -22.17 7.41
CA PRO A 202 36.47 -21.78 8.62
C PRO A 202 37.82 -21.13 8.33
N HIS A 203 38.42 -21.41 7.16
CA HIS A 203 39.63 -20.70 6.75
C HIS A 203 39.32 -19.22 6.67
N CYS A 204 38.29 -18.91 5.87
CA CYS A 204 37.82 -17.54 5.73
C CYS A 204 37.44 -16.95 7.09
N ARG A 205 36.69 -17.72 7.86
CA ARG A 205 36.18 -17.27 9.15
C ARG A 205 37.30 -16.81 10.08
N ASP A 206 38.25 -17.71 10.31
CA ASP A 206 39.36 -17.42 11.21
C ASP A 206 40.25 -16.33 10.66
N GLU A 207 40.45 -16.32 9.34
CA GLU A 207 41.22 -15.23 8.69
C GLU A 207 40.62 -13.86 9.00
N MET A 208 39.29 -13.78 8.93
CA MET A 208 38.59 -12.56 9.25
C MET A 208 38.76 -12.20 10.73
N ALA A 209 38.73 -13.22 11.59
CA ALA A 209 38.92 -12.98 13.02
C ALA A 209 40.29 -12.35 13.30
N ALA A 210 41.30 -12.84 12.59
CA ALA A 210 42.65 -12.31 12.75
C ALA A 210 42.76 -10.89 12.22
N ALA A 211 42.13 -10.59 11.08
CA ALA A 211 42.19 -9.23 10.56
C ALA A 211 41.51 -8.26 11.52
N ARG A 212 40.43 -8.72 12.14
CA ARG A 212 39.68 -7.86 13.06
C ARG A 212 40.48 -7.59 14.34
N GLY A 213 41.07 -8.67 14.89
CA GLY A 213 41.97 -8.57 16.02
C GLY A 213 43.12 -7.61 15.71
N ALA A 214 43.70 -7.76 14.52
CA ALA A 214 44.80 -6.89 14.11
C ALA A 214 44.34 -5.42 14.06
N LEU A 215 43.13 -5.16 13.58
CA LEU A 215 42.66 -3.78 13.55
C LEU A 215 42.59 -3.24 14.97
N LYS A 216 41.96 -4.02 15.85
CA LYS A 216 41.76 -3.56 17.22
C LYS A 216 43.11 -3.24 17.88
N LYS A 217 44.06 -4.15 17.74
CA LYS A 217 45.39 -4.01 18.31
C LYS A 217 46.10 -2.75 17.75
N ASN A 218 46.00 -2.58 16.43
CA ASN A 218 46.68 -1.46 15.80
C ASN A 218 46.04 -0.12 16.09
N ALA A 219 44.80 -0.10 16.55
CA ALA A 219 44.19 1.17 16.92
C ALA A 219 44.80 1.73 18.21
N THR A 220 45.01 0.86 19.19
CA THR A 220 45.70 1.29 20.40
C THR A 220 47.13 1.67 20.03
N MET A 221 47.80 0.80 19.28
CA MET A 221 49.19 1.11 18.92
C MET A 221 49.28 2.44 18.17
N LEU A 222 48.29 2.75 17.35
CA LEU A 222 48.28 4.02 16.64
C LEU A 222 48.15 5.16 17.59
N TYR A 223 47.28 5.01 18.59
CA TYR A 223 47.09 6.08 19.55
C TYR A 223 48.38 6.34 20.31
N THR A 224 48.99 5.26 20.80
CA THR A 224 50.22 5.36 21.59
C THR A 224 51.37 5.94 20.76
N ALA A 225 51.50 5.50 19.50
CA ALA A 225 52.51 6.02 18.60
C ALA A 225 52.33 7.53 18.39
N SER A 226 51.10 7.94 18.09
CA SER A 226 50.81 9.36 17.93
C SER A 226 51.16 10.14 19.20
N GLN A 227 50.91 9.53 20.35
CA GLN A 227 51.29 10.19 21.59
C GLN A 227 52.82 10.33 21.69
N ALA A 228 53.53 9.30 21.28
CA ALA A 228 54.98 9.28 21.35
C ALA A 228 55.58 10.35 20.44
N PHE A 229 55.03 10.48 19.24
CA PHE A 229 55.42 11.56 18.35
C PHE A 229 55.15 12.93 18.96
N LEU A 230 53.94 13.16 19.46
CA LEU A 230 53.65 14.48 19.99
C LEU A 230 54.60 14.82 21.14
N ARG A 231 54.91 13.83 21.97
CA ARG A 231 55.84 14.03 23.08
C ARG A 231 57.30 14.23 22.61
N HIS A 232 57.65 13.67 21.45
CA HIS A 232 59.01 13.82 20.90
C HIS A 232 59.02 14.03 19.41
N PRO A 233 58.54 15.19 18.94
CA PRO A 233 58.42 15.39 17.49
C PRO A 233 59.80 15.53 16.84
N ASP A 234 60.77 15.81 17.70
CA ASP A 234 62.18 15.93 17.35
C ASP A 234 62.77 14.59 16.88
N VAL A 235 62.37 13.50 17.53
CA VAL A 235 62.89 12.17 17.26
C VAL A 235 62.28 11.55 16.02
N ALA A 236 63.11 11.14 15.07
CA ALA A 236 62.64 10.64 13.77
C ALA A 236 61.98 9.26 13.87
N ALA A 237 62.50 8.45 14.79
CA ALA A 237 61.93 7.13 15.07
C ALA A 237 60.43 7.17 15.39
N THR A 238 59.98 8.20 16.11
CA THR A 238 58.58 8.27 16.48
C THR A 238 57.69 8.49 15.25
N ARG A 239 58.02 9.48 14.43
CA ARG A 239 57.26 9.70 13.20
C ARG A 239 57.24 8.46 12.30
N ALA A 240 58.38 7.78 12.21
CA ALA A 240 58.44 6.55 11.42
C ALA A 240 57.49 5.47 11.95
N ASN A 241 57.49 5.30 13.28
CA ASN A 241 56.70 4.25 13.91
C ASN A 241 55.20 4.56 13.77
N ARG A 242 54.81 5.81 14.00
CA ARG A 242 53.43 6.23 13.77
C ARG A 242 53.00 5.88 12.35
N ASP A 243 53.80 6.30 11.37
CA ASP A 243 53.48 6.01 9.96
C ASP A 243 53.34 4.51 9.71
N TYR A 244 54.25 3.76 10.28
CA TYR A 244 54.25 2.31 10.09
C TYR A 244 52.96 1.68 10.62
N VAL A 245 52.58 2.11 11.82
CA VAL A 245 51.39 1.57 12.48
C VAL A 245 50.18 1.88 11.63
N PHE A 246 50.09 3.10 11.13
CA PHE A 246 48.93 3.45 10.30
C PHE A 246 48.89 2.55 9.07
N LYS A 247 50.06 2.15 8.57
CA LYS A 247 50.08 1.22 7.45
C LYS A 247 49.53 -0.13 7.88
N GLN A 248 49.85 -0.55 9.10
CA GLN A 248 49.31 -1.80 9.64
C GLN A 248 47.79 -1.78 9.79
N VAL A 249 47.29 -0.62 10.19
CA VAL A 249 45.86 -0.38 10.25
C VAL A 249 45.24 -0.60 8.89
N GLN A 250 45.82 0.06 7.88
CA GLN A 250 45.28 -0.08 6.52
C GLN A 250 45.30 -1.52 6.01
N GLU A 251 46.38 -2.23 6.31
CA GLU A 251 46.41 -3.65 5.97
C GLU A 251 45.28 -4.41 6.67
N ALA A 252 45.09 -4.18 7.97
CA ALA A 252 44.07 -4.89 8.75
C ALA A 252 42.66 -4.67 8.19
N ILE A 253 42.38 -3.43 7.80
CA ILE A 253 41.08 -3.07 7.23
C ILE A 253 40.86 -3.77 5.89
N ALA A 254 41.87 -3.69 5.03
CA ALA A 254 41.84 -4.39 3.77
C ALA A 254 41.63 -5.88 3.98
N GLY A 255 42.21 -6.41 5.05
CA GLY A 255 42.09 -7.83 5.35
C GLY A 255 40.69 -8.21 5.78
N ILE A 256 40.05 -7.32 6.52
CA ILE A 256 38.67 -7.59 6.92
C ILE A 256 37.78 -7.61 5.68
N SER A 257 37.81 -6.53 4.89
CA SER A 257 36.94 -6.50 3.70
C SER A 257 37.21 -7.68 2.78
N SER A 258 38.47 -8.04 2.62
CA SER A 258 38.79 -9.20 1.80
C SER A 258 38.20 -10.49 2.36
N ALA A 259 38.39 -10.75 3.64
CA ALA A 259 37.92 -12.01 4.21
C ALA A 259 36.39 -12.08 4.24
N ALA A 260 35.75 -10.92 4.31
CA ALA A 260 34.29 -10.83 4.41
C ALA A 260 33.60 -11.14 3.09
N GLN A 261 34.28 -10.83 2.00
CA GLN A 261 33.77 -11.13 0.68
C GLN A 261 34.22 -12.52 0.26
N ALA A 262 34.45 -13.37 1.26
CA ALA A 262 34.95 -14.73 1.07
C ALA A 262 36.24 -14.72 0.28
N GLU B 20 21.21 -19.74 -14.71
CA GLU B 20 21.28 -19.16 -16.05
C GLU B 20 20.46 -17.88 -16.15
N ILE B 21 21.14 -16.79 -16.47
CA ILE B 21 20.50 -15.51 -16.75
C ILE B 21 20.56 -15.27 -18.27
N ARG B 22 19.41 -15.04 -18.88
CA ARG B 22 19.34 -14.94 -20.34
C ARG B 22 19.18 -13.50 -20.82
N THR B 23 20.25 -13.01 -21.43
CA THR B 23 20.33 -11.66 -21.97
C THR B 23 21.56 -11.67 -22.87
N LEU B 24 21.44 -11.07 -24.05
CA LEU B 24 22.53 -11.04 -25.01
C LEU B 24 23.73 -10.24 -24.49
N THR B 25 23.48 -9.21 -23.71
CA THR B 25 24.58 -8.42 -23.14
C THR B 25 25.35 -9.25 -22.14
N VAL B 26 24.62 -9.95 -21.29
CA VAL B 26 25.23 -10.83 -20.30
C VAL B 26 26.05 -11.93 -20.98
N GLU B 27 25.45 -12.58 -21.98
CA GLU B 27 26.14 -13.66 -22.68
C GLU B 27 27.39 -13.16 -23.42
N ARG B 28 27.29 -11.97 -24.02
CA ARG B 28 28.41 -11.42 -24.79
C ARG B 28 29.55 -10.95 -23.90
N LEU B 29 29.22 -10.31 -22.78
CA LEU B 29 30.24 -9.90 -21.82
C LEU B 29 30.90 -11.11 -21.14
N LEU B 30 30.10 -12.10 -20.81
CA LEU B 30 30.59 -13.29 -20.14
C LEU B 30 31.51 -14.13 -21.01
N GLU B 31 31.02 -14.50 -22.19
CA GLU B 31 31.68 -15.49 -23.06
C GLU B 31 33.22 -15.42 -23.12
N PRO B 32 33.79 -14.30 -23.58
CA PRO B 32 35.26 -14.31 -23.76
C PRO B 32 36.01 -14.64 -22.47
N LEU B 33 35.81 -13.82 -21.44
CA LEU B 33 36.44 -14.03 -20.14
C LEU B 33 36.34 -15.47 -19.64
N VAL B 34 35.12 -16.00 -19.62
CA VAL B 34 34.90 -17.37 -19.15
C VAL B 34 35.66 -18.40 -19.98
N THR B 35 35.72 -18.21 -21.30
CA THR B 35 36.41 -19.20 -22.11
C THR B 35 37.93 -19.15 -21.90
N GLN B 36 38.50 -17.94 -21.87
CA GLN B 36 39.92 -17.78 -21.54
C GLN B 36 40.25 -18.46 -20.23
N VAL B 37 39.51 -18.09 -19.18
CA VAL B 37 39.73 -18.63 -17.86
C VAL B 37 39.61 -20.16 -17.84
N THR B 38 38.57 -20.69 -18.46
CA THR B 38 38.34 -22.14 -18.48
C THR B 38 39.51 -22.88 -19.14
N THR B 39 39.95 -22.34 -20.29
CA THR B 39 41.07 -22.91 -21.01
C THR B 39 42.31 -22.93 -20.12
N LEU B 40 42.61 -21.79 -19.50
CA LEU B 40 43.76 -21.64 -18.61
C LEU B 40 43.70 -22.63 -17.44
N VAL B 41 42.51 -22.82 -16.89
CA VAL B 41 42.33 -23.77 -15.79
C VAL B 41 42.54 -25.19 -16.29
N ASN B 42 42.31 -25.43 -17.58
CA ASN B 42 42.44 -26.79 -18.10
C ASN B 42 43.81 -27.11 -18.73
N THR B 43 44.86 -26.41 -18.27
CA THR B 43 46.20 -26.66 -18.77
C THR B 43 47.25 -25.97 -17.88
N SER B 56 54.93 -24.24 -20.45
CA SER B 56 55.21 -23.09 -19.58
C SER B 56 55.20 -21.78 -20.35
N LYS B 57 55.72 -21.81 -21.58
CA LYS B 57 55.76 -20.61 -22.42
C LYS B 57 54.33 -20.23 -22.81
N LYS B 58 53.53 -21.24 -23.10
CA LYS B 58 52.16 -21.06 -23.58
C LYS B 58 51.20 -20.77 -22.43
N ALA B 59 51.50 -21.32 -21.26
CA ALA B 59 50.69 -21.06 -20.07
C ALA B 59 50.67 -19.56 -19.77
N HIS B 60 51.82 -18.91 -19.95
CA HIS B 60 51.91 -17.46 -19.78
C HIS B 60 51.06 -16.74 -20.82
N VAL B 61 50.95 -17.34 -22.00
CA VAL B 61 50.15 -16.74 -23.07
C VAL B 61 48.69 -16.77 -22.66
N LEU B 62 48.22 -17.95 -22.25
CA LEU B 62 46.85 -18.10 -21.73
C LEU B 62 46.58 -17.08 -20.62
N ALA B 63 47.50 -16.97 -19.67
CA ALA B 63 47.37 -15.98 -18.59
C ALA B 63 47.28 -14.56 -19.14
N ALA B 64 48.01 -14.29 -20.22
CA ALA B 64 48.00 -12.99 -20.85
C ALA B 64 46.62 -12.70 -21.42
N SER B 65 46.08 -13.69 -22.11
CA SER B 65 44.76 -13.58 -22.71
C SER B 65 43.73 -13.31 -21.63
N VAL B 66 43.78 -14.09 -20.56
CA VAL B 66 42.90 -13.89 -19.42
C VAL B 66 43.00 -12.46 -18.90
N GLU B 67 44.21 -11.92 -18.81
CA GLU B 67 44.37 -10.55 -18.34
C GLU B 67 43.75 -9.53 -19.29
N GLN B 68 43.89 -9.78 -20.60
CA GLN B 68 43.29 -8.93 -21.61
C GLN B 68 41.79 -8.92 -21.43
N ALA B 69 41.19 -10.10 -21.57
CA ALA B 69 39.78 -10.32 -21.35
C ALA B 69 39.27 -9.64 -20.07
N THR B 70 40.07 -9.74 -19.01
CA THR B 70 39.70 -9.16 -17.73
C THR B 70 39.62 -7.65 -17.82
N GLN B 71 40.61 -7.04 -18.46
CA GLN B 71 40.67 -5.60 -18.47
C GLN B 71 39.62 -4.99 -19.41
N ASN B 72 39.40 -5.62 -20.57
CA ASN B 72 38.39 -5.04 -21.46
C ASN B 72 36.96 -5.28 -20.92
N PHE B 73 36.76 -6.43 -20.26
CA PHE B 73 35.52 -6.60 -19.49
C PHE B 73 35.38 -5.51 -18.45
N LEU B 74 36.50 -5.10 -17.84
CA LEU B 74 36.47 -4.08 -16.81
C LEU B 74 36.04 -2.73 -17.39
N GLU B 75 36.49 -2.46 -18.62
CA GLU B 75 36.06 -1.28 -19.36
C GLU B 75 34.54 -1.27 -19.50
N LYS B 76 34.02 -2.33 -20.12
CA LYS B 76 32.57 -2.46 -20.31
C LYS B 76 31.80 -2.30 -19.00
N GLY B 77 32.37 -2.85 -17.93
CA GLY B 77 31.77 -2.77 -16.62
C GLY B 77 31.69 -1.37 -16.03
N GLU B 78 32.78 -0.61 -16.12
CA GLU B 78 32.72 0.74 -15.57
C GLU B 78 31.79 1.62 -16.42
N GLN B 79 31.76 1.38 -17.74
CA GLN B 79 30.76 2.03 -18.59
C GLN B 79 29.34 1.76 -18.09
N ILE B 80 29.01 0.48 -17.90
CA ILE B 80 27.72 0.09 -17.33
C ILE B 80 27.42 0.83 -16.01
N ALA B 81 28.42 0.91 -15.15
CA ALA B 81 28.27 1.58 -13.88
C ALA B 81 27.88 3.05 -14.09
N LYS B 82 28.54 3.69 -15.05
CA LYS B 82 28.28 5.10 -15.35
C LYS B 82 26.85 5.30 -15.88
N GLU B 83 26.48 4.53 -16.90
CA GLU B 83 25.18 4.68 -17.55
C GLU B 83 23.99 4.47 -16.62
N SER B 84 24.15 3.64 -15.59
CA SER B 84 23.02 3.24 -14.77
C SER B 84 22.39 4.37 -13.96
N GLN B 85 21.07 4.34 -13.86
CA GLN B 85 20.30 5.31 -13.09
C GLN B 85 19.71 4.63 -11.86
N ASP B 86 19.73 3.30 -11.85
CA ASP B 86 19.29 2.54 -10.70
C ASP B 86 20.43 1.65 -10.16
N LEU B 87 20.58 1.63 -8.84
CA LEU B 87 21.63 0.88 -8.15
C LEU B 87 23.03 1.25 -8.62
N LYS B 88 23.31 2.55 -8.73
CA LYS B 88 24.58 3.03 -9.28
C LYS B 88 25.78 2.72 -8.38
N GLU B 89 25.70 3.17 -7.13
CA GLU B 89 26.76 2.95 -6.14
C GLU B 89 27.15 1.48 -6.04
N GLU B 90 26.14 0.64 -5.85
CA GLU B 90 26.34 -0.80 -5.79
C GLU B 90 27.11 -1.31 -7.01
N LEU B 91 26.77 -0.81 -8.19
CA LEU B 91 27.44 -1.22 -9.41
C LEU B 91 28.89 -0.83 -9.37
N VAL B 92 29.16 0.37 -8.86
CA VAL B 92 30.55 0.84 -8.76
C VAL B 92 31.38 -0.07 -7.85
N ALA B 93 30.83 -0.36 -6.69
CA ALA B 93 31.44 -1.28 -5.73
C ALA B 93 31.72 -2.62 -6.39
N ALA B 94 30.73 -3.14 -7.11
CA ALA B 94 30.86 -4.44 -7.76
C ALA B 94 31.98 -4.43 -8.80
N VAL B 95 32.14 -3.30 -9.46
CA VAL B 95 33.21 -3.14 -10.43
C VAL B 95 34.56 -3.16 -9.74
N GLU B 96 34.68 -2.41 -8.63
CA GLU B 96 35.90 -2.41 -7.83
C GLU B 96 36.26 -3.83 -7.34
N ASP B 97 35.25 -4.56 -6.87
CA ASP B 97 35.42 -5.94 -6.45
C ASP B 97 35.93 -6.80 -7.59
N VAL B 98 35.43 -6.54 -8.80
CA VAL B 98 35.92 -7.26 -9.97
C VAL B 98 37.39 -6.92 -10.23
N ARG B 99 37.75 -5.65 -9.98
CA ARG B 99 39.12 -5.21 -10.17
C ARG B 99 40.07 -5.98 -9.25
N LYS B 100 39.71 -6.05 -7.96
CA LYS B 100 40.53 -6.78 -6.99
C LYS B 100 40.67 -8.25 -7.36
N GLN B 101 39.54 -8.94 -7.55
CA GLN B 101 39.59 -10.36 -7.91
C GLN B 101 40.40 -10.58 -9.18
N GLY B 102 40.43 -9.56 -10.04
CA GLY B 102 41.17 -9.64 -11.28
C GLY B 102 42.66 -9.57 -11.02
N GLU B 103 43.04 -8.68 -10.10
CA GLU B 103 44.45 -8.57 -9.70
C GLU B 103 44.94 -9.88 -9.05
N THR B 104 44.21 -10.34 -8.05
CA THR B 104 44.50 -11.63 -7.42
C THR B 104 44.64 -12.75 -8.46
N MET B 105 43.75 -12.75 -9.43
CA MET B 105 43.77 -13.76 -10.49
C MET B 105 45.03 -13.65 -11.34
N ARG B 106 45.43 -12.41 -11.63
CA ARG B 106 46.61 -12.18 -12.45
C ARG B 106 47.84 -12.71 -11.74
N ILE B 107 48.02 -12.29 -10.49
CA ILE B 107 49.16 -12.72 -9.68
C ILE B 107 49.21 -14.25 -9.57
N ALA B 108 48.12 -14.85 -9.10
CA ALA B 108 48.04 -16.29 -8.97
C ALA B 108 48.37 -17.00 -10.29
N SER B 109 47.90 -16.42 -11.40
CA SER B 109 48.07 -17.07 -12.71
C SER B 109 49.48 -16.95 -13.27
N SER B 110 50.17 -15.86 -12.94
CA SER B 110 51.56 -15.73 -13.36
C SER B 110 52.40 -16.70 -12.52
N GLU B 111 52.18 -16.71 -11.21
CA GLU B 111 52.91 -17.63 -10.34
C GLU B 111 52.63 -19.07 -10.73
N PHE B 112 51.46 -19.30 -11.32
CA PHE B 112 51.13 -20.61 -11.85
C PHE B 112 51.90 -20.88 -13.12
N ALA B 113 52.02 -19.85 -13.94
CA ALA B 113 52.65 -19.96 -15.25
C ALA B 113 54.14 -20.29 -15.11
N ASP B 114 54.80 -19.59 -14.20
CA ASP B 114 56.21 -19.84 -13.89
C ASP B 114 56.45 -21.28 -13.49
N ASP B 115 55.48 -21.88 -12.79
CA ASP B 115 55.62 -23.27 -12.36
C ASP B 115 54.35 -24.08 -12.63
N PRO B 116 54.17 -24.47 -13.90
CA PRO B 116 52.97 -25.16 -14.43
C PRO B 116 52.50 -26.41 -13.69
N CYS B 117 53.40 -27.33 -13.35
CA CYS B 117 52.97 -28.60 -12.78
C CYS B 117 52.69 -28.52 -11.29
N SER B 118 52.86 -27.33 -10.72
CA SER B 118 52.67 -27.14 -9.28
C SER B 118 51.21 -27.25 -8.88
N SER B 119 50.88 -28.30 -8.12
CA SER B 119 49.52 -28.54 -7.69
C SER B 119 49.01 -27.41 -6.80
N VAL B 120 49.83 -26.98 -5.85
CA VAL B 120 49.46 -25.92 -4.94
C VAL B 120 49.20 -24.60 -5.67
N LYS B 121 50.12 -24.23 -6.57
CA LYS B 121 49.98 -22.99 -7.33
C LYS B 121 48.74 -23.06 -8.24
N ARG B 122 48.46 -24.25 -8.77
CA ARG B 122 47.26 -24.48 -9.54
C ARG B 122 46.00 -24.24 -8.71
N GLY B 123 45.99 -24.81 -7.51
CA GLY B 123 44.88 -24.65 -6.59
C GLY B 123 44.63 -23.19 -6.31
N THR B 124 45.70 -22.45 -6.02
CA THR B 124 45.56 -21.02 -5.75
C THR B 124 44.96 -20.31 -6.96
N MET B 125 45.45 -20.68 -8.14
CA MET B 125 44.98 -20.05 -9.37
C MET B 125 43.48 -20.30 -9.59
N VAL B 126 43.07 -21.55 -9.44
CA VAL B 126 41.68 -21.95 -9.67
C VAL B 126 40.74 -21.30 -8.66
N ARG B 127 41.15 -21.25 -7.40
CA ARG B 127 40.34 -20.54 -6.41
C ARG B 127 40.20 -19.09 -6.83
N ALA B 128 41.29 -18.50 -7.31
CA ALA B 128 41.27 -17.10 -7.70
C ALA B 128 40.33 -16.88 -8.89
N ALA B 129 40.32 -17.85 -9.79
CA ALA B 129 39.47 -17.83 -10.96
C ALA B 129 37.99 -17.88 -10.58
N ARG B 130 37.62 -18.87 -9.77
CA ARG B 130 36.26 -18.97 -9.26
C ARG B 130 35.85 -17.65 -8.61
N ALA B 131 36.76 -17.07 -7.83
CA ALA B 131 36.44 -15.82 -7.16
C ALA B 131 36.16 -14.71 -8.19
N LEU B 132 36.97 -14.67 -9.24
CA LEU B 132 36.81 -13.68 -10.30
C LEU B 132 35.46 -13.82 -11.01
N LEU B 133 35.21 -15.00 -11.55
CA LEU B 133 33.97 -15.26 -12.25
C LEU B 133 32.76 -14.97 -11.36
N SER B 134 32.86 -15.32 -10.08
CA SER B 134 31.78 -15.02 -9.15
C SER B 134 31.54 -13.51 -9.03
N ALA B 135 32.61 -12.73 -8.95
CA ALA B 135 32.50 -11.28 -8.88
C ALA B 135 31.83 -10.69 -10.13
N VAL B 136 32.27 -11.18 -11.28
CA VAL B 136 31.72 -10.82 -12.58
C VAL B 136 30.21 -11.09 -12.62
N THR B 137 29.85 -12.33 -12.30
CA THR B 137 28.48 -12.78 -12.20
C THR B 137 27.63 -11.90 -11.29
N ARG B 138 28.20 -11.50 -10.16
CA ARG B 138 27.47 -10.66 -9.24
C ARG B 138 27.20 -9.31 -9.88
N LEU B 139 28.22 -8.82 -10.58
CA LEU B 139 28.11 -7.53 -11.26
C LEU B 139 27.00 -7.57 -12.31
N LEU B 140 27.01 -8.59 -13.15
CA LEU B 140 26.01 -8.75 -14.19
C LEU B 140 24.60 -8.91 -13.64
N ILE B 141 24.43 -9.76 -12.62
CA ILE B 141 23.10 -9.95 -12.01
C ILE B 141 22.58 -8.64 -11.44
N LEU B 142 23.44 -7.94 -10.73
CA LEU B 142 23.10 -6.62 -10.22
C LEU B 142 22.63 -5.69 -11.35
N ALA B 143 23.36 -5.69 -12.46
CA ALA B 143 23.09 -4.81 -13.59
C ALA B 143 21.74 -5.10 -14.27
N ASP B 144 21.55 -6.37 -14.60
CA ASP B 144 20.27 -6.87 -15.09
C ASP B 144 19.12 -6.40 -14.21
N MET B 145 19.32 -6.51 -12.89
CA MET B 145 18.32 -6.07 -11.93
C MET B 145 18.05 -4.57 -12.05
N ALA B 146 19.10 -3.80 -12.31
CA ALA B 146 18.95 -2.36 -12.49
C ALA B 146 18.06 -2.06 -13.68
N ASP B 147 18.36 -2.71 -14.80
CA ASP B 147 17.56 -2.56 -16.02
C ASP B 147 16.08 -2.87 -15.79
N VAL B 148 15.82 -4.07 -15.28
CA VAL B 148 14.46 -4.49 -14.95
C VAL B 148 13.74 -3.47 -14.07
N MET B 149 14.46 -2.90 -13.12
CA MET B 149 13.85 -1.94 -12.21
C MET B 149 13.49 -0.61 -12.88
N ARG B 150 14.34 -0.18 -13.81
CA ARG B 150 14.05 0.97 -14.64
C ARG B 150 12.73 0.74 -15.40
N LEU B 151 12.70 -0.38 -16.13
CA LEU B 151 11.53 -0.74 -16.91
C LEU B 151 10.26 -0.74 -16.06
N LEU B 152 10.32 -1.38 -14.90
CA LEU B 152 9.17 -1.49 -14.02
C LEU B 152 8.72 -0.13 -13.50
N SER B 153 9.68 0.76 -13.30
CA SER B 153 9.36 2.09 -12.81
C SER B 153 8.51 2.78 -13.87
N HIS B 154 9.01 2.74 -15.11
CA HIS B 154 8.27 3.27 -16.24
C HIS B 154 6.86 2.67 -16.33
N LEU B 155 6.77 1.34 -16.30
CA LEU B 155 5.48 0.66 -16.35
C LEU B 155 4.51 1.15 -15.29
N LYS B 156 4.97 1.34 -14.06
CA LYS B 156 4.07 1.80 -12.98
C LYS B 156 3.58 3.21 -13.29
N ILE B 157 4.50 4.06 -13.69
CA ILE B 157 4.15 5.43 -14.07
C ILE B 157 3.09 5.51 -15.22
N VAL B 158 3.28 4.70 -16.27
CA VAL B 158 2.34 4.65 -17.38
C VAL B 158 0.99 4.10 -16.92
N GLU B 159 1.02 3.03 -16.13
CA GLU B 159 -0.24 2.49 -15.59
C GLU B 159 -1.01 3.56 -14.87
N GLU B 160 -0.32 4.29 -14.01
CA GLU B 160 -1.01 5.33 -13.24
C GLU B 160 -1.54 6.42 -14.16
N ALA B 161 -0.75 6.82 -15.16
CA ALA B 161 -1.20 7.85 -16.09
C ALA B 161 -2.46 7.44 -16.85
N LEU B 162 -2.53 6.19 -17.25
CA LEU B 162 -3.70 5.68 -17.94
C LEU B 162 -4.88 5.58 -16.98
N GLU B 163 -4.65 5.18 -15.73
CA GLU B 163 -5.71 5.23 -14.73
C GLU B 163 -6.27 6.64 -14.61
N ALA B 164 -5.40 7.64 -14.66
CA ALA B 164 -5.91 9.00 -14.62
C ALA B 164 -6.68 9.30 -15.90
N VAL B 165 -6.31 8.67 -17.01
CA VAL B 165 -7.09 8.85 -18.24
C VAL B 165 -8.50 8.29 -18.04
N LYS B 166 -8.57 7.06 -17.56
CA LYS B 166 -9.81 6.40 -17.22
C LYS B 166 -10.68 7.25 -16.30
N ASN B 167 -10.07 7.89 -15.31
CA ASN B 167 -10.89 8.57 -14.31
C ASN B 167 -11.22 10.04 -14.61
N ALA B 168 -10.74 10.56 -15.72
CA ALA B 168 -11.07 11.96 -16.07
C ALA B 168 -12.57 12.17 -16.19
N THR B 169 -13.03 13.39 -15.92
CA THR B 169 -14.46 13.67 -15.80
C THR B 169 -15.01 14.62 -16.86
N ASN B 170 -14.14 15.15 -17.71
CA ASN B 170 -14.57 16.01 -18.82
C ASN B 170 -13.53 16.03 -19.94
N GLU B 171 -13.89 16.57 -21.10
CA GLU B 171 -13.03 16.47 -22.28
C GLU B 171 -11.68 17.17 -22.05
N GLN B 172 -11.70 18.32 -21.41
CA GLN B 172 -10.46 19.05 -21.14
C GLN B 172 -9.50 18.24 -20.25
N ASP B 173 -9.98 17.76 -19.12
CA ASP B 173 -9.13 16.98 -18.22
C ASP B 173 -8.74 15.64 -18.83
N LEU B 174 -9.61 15.07 -19.67
CA LEU B 174 -9.26 13.85 -20.41
C LEU B 174 -8.06 14.08 -21.34
N ALA B 175 -8.14 15.18 -22.09
CA ALA B 175 -7.06 15.58 -22.98
C ALA B 175 -5.76 15.82 -22.20
N ASN B 176 -5.85 16.47 -21.05
CA ASN B 176 -4.64 16.70 -20.26
C ASN B 176 -4.03 15.41 -19.70
N ARG B 177 -4.86 14.54 -19.15
CA ARG B 177 -4.33 13.28 -18.63
C ARG B 177 -3.72 12.46 -19.76
N PHE B 178 -4.28 12.55 -20.96
CA PHE B 178 -3.72 11.78 -22.06
C PHE B 178 -2.40 12.40 -22.51
N LYS B 179 -2.32 13.73 -22.42
CA LYS B 179 -1.09 14.47 -22.69
C LYS B 179 0.04 13.96 -21.79
N GLU B 180 -0.25 13.89 -20.49
CA GLU B 180 0.71 13.37 -19.51
C GLU B 180 1.08 11.92 -19.79
N PHE B 181 0.08 11.10 -20.09
CA PHE B 181 0.35 9.71 -20.41
C PHE B 181 1.36 9.62 -21.54
N GLY B 182 1.17 10.42 -22.59
CA GLY B 182 2.04 10.35 -23.76
C GLY B 182 3.52 10.56 -23.44
N LYS B 183 3.77 11.57 -22.60
CA LYS B 183 5.12 11.92 -22.16
C LYS B 183 5.80 10.75 -21.46
N GLU B 184 5.09 10.06 -20.58
CA GLU B 184 5.63 8.85 -19.96
C GLU B 184 5.79 7.71 -20.95
N MET B 185 4.83 7.60 -21.86
CA MET B 185 4.75 6.48 -22.76
C MET B 185 5.97 6.42 -23.65
N VAL B 186 6.45 7.60 -24.06
CA VAL B 186 7.61 7.62 -24.96
C VAL B 186 8.90 7.17 -24.23
N LYS B 187 9.00 7.47 -22.94
CA LYS B 187 10.13 6.99 -22.17
C LYS B 187 10.03 5.48 -22.10
N LEU B 188 8.90 4.99 -21.60
CA LEU B 188 8.67 3.56 -21.47
C LEU B 188 8.94 2.76 -22.75
N ASN B 189 8.65 3.36 -23.90
CA ASN B 189 8.73 2.63 -25.17
C ASN B 189 10.15 2.24 -25.57
N TYR B 190 11.10 3.16 -25.40
CA TYR B 190 12.48 2.86 -25.76
C TYR B 190 13.04 1.80 -24.82
N VAL B 191 12.91 2.05 -23.52
CA VAL B 191 13.32 1.12 -22.48
C VAL B 191 12.80 -0.30 -22.75
N ALA B 192 11.50 -0.40 -22.96
CA ALA B 192 10.86 -1.68 -23.21
C ALA B 192 11.39 -2.33 -24.49
N ALA B 193 11.58 -1.53 -25.55
CA ALA B 193 12.10 -2.07 -26.81
C ALA B 193 13.56 -2.58 -26.68
N ARG B 194 14.38 -1.80 -25.99
CA ARG B 194 15.75 -2.15 -25.63
C ARG B 194 15.78 -3.50 -24.91
N ARG B 195 14.94 -3.59 -23.88
CA ARG B 195 14.84 -4.81 -23.10
C ARG B 195 14.47 -5.96 -23.99
N GLN B 196 13.48 -5.70 -24.86
CA GLN B 196 12.99 -6.71 -25.78
C GLN B 196 14.12 -7.22 -26.67
N GLN B 197 15.00 -6.31 -27.09
CA GLN B 197 16.16 -6.64 -27.91
C GLN B 197 17.19 -7.50 -27.16
N GLU B 198 17.21 -7.38 -25.83
CA GLU B 198 18.15 -8.18 -25.04
C GLU B 198 17.77 -9.67 -24.84
N LEU B 199 16.49 -9.99 -24.87
CA LEU B 199 16.05 -11.34 -24.52
C LEU B 199 16.54 -12.37 -25.55
N LYS B 200 17.21 -13.41 -25.06
CA LYS B 200 17.80 -14.42 -25.93
C LYS B 200 16.76 -15.38 -26.50
N ASP B 201 15.78 -15.74 -25.67
CA ASP B 201 14.72 -16.66 -26.06
C ASP B 201 13.60 -15.97 -26.85
N PRO B 202 13.47 -16.31 -28.15
CA PRO B 202 12.50 -15.67 -29.05
C PRO B 202 11.05 -15.84 -28.60
N HIS B 203 10.74 -16.88 -27.84
CA HIS B 203 9.41 -17.03 -27.26
C HIS B 203 9.15 -15.83 -26.36
N CYS B 204 10.05 -15.62 -25.42
CA CYS B 204 9.99 -14.47 -24.54
C CYS B 204 9.97 -13.16 -25.32
N ARG B 205 10.86 -13.06 -26.29
CA ARG B 205 11.01 -11.84 -27.08
C ARG B 205 9.70 -11.42 -27.75
N ASP B 206 9.14 -12.35 -28.52
CA ASP B 206 7.91 -12.07 -29.26
C ASP B 206 6.73 -11.87 -28.31
N GLU B 207 6.70 -12.62 -27.22
CA GLU B 207 5.66 -12.44 -26.20
C GLU B 207 5.67 -11.00 -25.67
N MET B 208 6.86 -10.48 -25.41
CA MET B 208 7.00 -9.11 -24.97
C MET B 208 6.55 -8.13 -26.04
N ALA B 209 6.85 -8.44 -27.30
CA ALA B 209 6.42 -7.58 -28.39
C ALA B 209 4.89 -7.48 -28.45
N ALA B 210 4.23 -8.60 -28.22
CA ALA B 210 2.77 -8.63 -28.24
C ALA B 210 2.20 -7.88 -27.05
N ALA B 211 2.80 -7.99 -25.88
CA ALA B 211 2.28 -7.27 -24.72
C ALA B 211 2.43 -5.75 -24.94
N ARG B 212 3.52 -5.37 -25.58
CA ARG B 212 3.77 -3.95 -25.82
C ARG B 212 2.81 -3.37 -26.85
N GLY B 213 2.61 -4.12 -27.93
CA GLY B 213 1.61 -3.79 -28.94
C GLY B 213 0.23 -3.66 -28.31
N ALA B 214 -0.12 -4.64 -27.47
CA ALA B 214 -1.40 -4.59 -26.78
C ALA B 214 -1.54 -3.33 -25.92
N LEU B 215 -0.48 -2.94 -25.22
CA LEU B 215 -0.56 -1.71 -24.42
C LEU B 215 -0.85 -0.52 -25.32
N LYS B 216 -0.08 -0.42 -26.41
CA LYS B 216 -0.22 0.73 -27.30
C LYS B 216 -1.67 0.80 -27.84
N LYS B 217 -2.18 -0.32 -28.30
CA LYS B 217 -3.52 -0.42 -28.85
C LYS B 217 -4.58 -0.04 -27.80
N ASN B 218 -4.40 -0.55 -26.59
CA ASN B 218 -5.38 -0.29 -25.55
C ASN B 218 -5.33 1.13 -25.02
N ALA B 219 -4.25 1.86 -25.27
CA ALA B 219 -4.21 3.26 -24.82
C ALA B 219 -5.13 4.13 -25.68
N THR B 220 -5.10 3.90 -26.99
CA THR B 220 -6.05 4.60 -27.85
C THR B 220 -7.46 4.15 -27.52
N MET B 221 -7.67 2.84 -27.42
CA MET B 221 -9.01 2.36 -27.11
C MET B 221 -9.51 2.96 -25.78
N LEU B 222 -8.63 3.13 -24.83
CA LEU B 222 -9.02 3.72 -23.56
C LEU B 222 -9.45 5.14 -23.74
N TYR B 223 -8.69 5.87 -24.55
CA TYR B 223 -9.03 7.27 -24.78
C TYR B 223 -10.41 7.38 -25.44
N THR B 224 -10.62 6.59 -26.49
CA THR B 224 -11.88 6.61 -27.23
C THR B 224 -13.06 6.17 -26.35
N ALA B 225 -12.85 5.14 -25.53
CA ALA B 225 -13.89 4.68 -24.62
C ALA B 225 -14.27 5.78 -23.62
N SER B 226 -13.27 6.40 -23.01
CA SER B 226 -13.52 7.51 -22.10
C SER B 226 -14.28 8.63 -22.81
N GLN B 227 -13.96 8.87 -24.08
CA GLN B 227 -14.68 9.88 -24.82
C GLN B 227 -16.16 9.46 -24.99
N ALA B 228 -16.36 8.18 -25.27
CA ALA B 228 -17.70 7.65 -25.51
C ALA B 228 -18.56 7.76 -24.25
N PHE B 229 -17.96 7.45 -23.09
CA PHE B 229 -18.63 7.65 -21.82
C PHE B 229 -18.97 9.12 -21.58
N LEU B 230 -18.01 10.01 -21.74
CA LEU B 230 -18.30 11.41 -21.47
C LEU B 230 -19.43 11.92 -22.37
N ARG B 231 -19.44 11.48 -23.62
CA ARG B 231 -20.49 11.87 -24.56
C ARG B 231 -21.85 11.22 -24.21
N HIS B 232 -21.83 10.05 -23.57
CA HIS B 232 -23.08 9.36 -23.19
C HIS B 232 -23.01 8.73 -21.81
N PRO B 233 -22.94 9.54 -20.75
CA PRO B 233 -22.74 8.97 -19.41
C PRO B 233 -23.98 8.23 -18.96
N ASP B 234 -25.08 8.52 -19.65
CA ASP B 234 -26.38 7.90 -19.44
C ASP B 234 -26.37 6.40 -19.82
N VAL B 235 -25.67 6.07 -20.90
CA VAL B 235 -25.60 4.71 -21.43
C VAL B 235 -24.67 3.81 -20.65
N ALA B 236 -25.18 2.68 -20.16
CA ALA B 236 -24.40 1.79 -19.27
C ALA B 236 -23.28 1.06 -20.00
N ALA B 237 -23.55 0.72 -21.26
CA ALA B 237 -22.56 0.08 -22.13
C ALA B 237 -21.23 0.86 -22.20
N THR B 238 -21.30 2.19 -22.22
CA THR B 238 -20.07 2.97 -22.34
C THR B 238 -19.19 2.84 -21.09
N ARG B 239 -19.78 3.02 -19.90
CA ARG B 239 -19.03 2.83 -18.67
C ARG B 239 -18.44 1.42 -18.56
N ALA B 240 -19.21 0.43 -18.99
CA ALA B 240 -18.71 -0.96 -18.97
C ALA B 240 -17.50 -1.14 -19.88
N ASN B 241 -17.59 -0.57 -21.08
CA ASN B 241 -16.53 -0.72 -22.07
C ASN B 241 -15.25 0.00 -21.64
N ARG B 242 -15.39 1.22 -21.12
CA ARG B 242 -14.27 1.94 -20.54
C ARG B 242 -13.58 1.08 -19.48
N ASP B 243 -14.37 0.59 -18.53
CA ASP B 243 -13.79 -0.24 -17.46
C ASP B 243 -13.06 -1.46 -18.01
N TYR B 244 -13.68 -2.09 -19.01
CA TYR B 244 -13.11 -3.29 -19.60
C TYR B 244 -11.76 -3.01 -20.25
N VAL B 245 -11.71 -1.91 -21.00
CA VAL B 245 -10.48 -1.51 -21.68
C VAL B 245 -9.38 -1.26 -20.67
N PHE B 246 -9.71 -0.55 -19.60
CA PHE B 246 -8.68 -0.30 -18.58
C PHE B 246 -8.16 -1.62 -18.01
N LYS B 247 -9.03 -2.63 -17.96
CA LYS B 247 -8.57 -3.94 -17.49
C LYS B 247 -7.59 -4.52 -18.49
N GLN B 248 -7.87 -4.32 -19.78
CA GLN B 248 -6.97 -4.78 -20.82
C GLN B 248 -5.61 -4.10 -20.77
N VAL B 249 -5.63 -2.82 -20.43
CA VAL B 249 -4.41 -2.07 -20.21
C VAL B 249 -3.60 -2.73 -19.10
N GLN B 250 -4.27 -2.99 -17.97
CA GLN B 250 -3.57 -3.60 -16.83
C GLN B 250 -2.98 -4.97 -17.17
N GLU B 251 -3.72 -5.75 -17.93
CA GLU B 251 -3.18 -7.02 -18.38
C GLU B 251 -1.94 -6.80 -19.24
N ALA B 252 -2.01 -5.87 -20.20
CA ALA B 252 -0.90 -5.63 -21.12
C ALA B 252 0.39 -5.21 -20.37
N ILE B 253 0.22 -4.36 -19.36
CA ILE B 253 1.34 -3.89 -18.54
C ILE B 253 1.97 -5.05 -17.76
N ALA B 254 1.10 -5.82 -17.11
CA ALA B 254 1.55 -7.02 -16.41
C ALA B 254 2.29 -7.96 -17.35
N GLY B 255 1.83 -8.02 -18.60
CA GLY B 255 2.42 -8.89 -19.59
C GLY B 255 3.82 -8.43 -19.99
N ILE B 256 3.98 -7.11 -20.07
CA ILE B 256 5.30 -6.59 -20.39
C ILE B 256 6.28 -6.91 -19.27
N SER B 257 5.94 -6.52 -18.02
CA SER B 257 6.85 -6.79 -16.91
C SER B 257 7.16 -8.28 -16.79
N SER B 258 6.15 -9.12 -16.99
CA SER B 258 6.39 -10.56 -16.94
C SER B 258 7.36 -11.03 -18.02
N ALA B 259 7.14 -10.62 -19.26
CA ALA B 259 7.99 -11.10 -20.35
C ALA B 259 9.41 -10.56 -20.24
N ALA B 260 9.55 -9.40 -19.61
CA ALA B 260 10.84 -8.73 -19.49
C ALA B 260 11.74 -9.38 -18.47
N GLN B 261 11.12 -9.99 -17.46
CA GLN B 261 11.86 -10.72 -16.44
C GLN B 261 12.02 -12.17 -16.88
N ALA B 262 12.02 -12.37 -18.19
CA ALA B 262 12.10 -13.69 -18.81
C ALA B 262 11.00 -14.59 -18.27
N GLU C 20 -14.01 -3.21 10.15
CA GLU C 20 -13.48 -3.50 8.82
C GLU C 20 -14.56 -3.40 7.73
N ILE C 21 -14.26 -2.62 6.70
CA ILE C 21 -15.14 -2.49 5.54
C ILE C 21 -14.41 -3.08 4.32
N ARG C 22 -15.07 -4.04 3.66
CA ARG C 22 -14.42 -4.76 2.57
C ARG C 22 -14.89 -4.29 1.19
N THR C 23 -13.98 -3.63 0.49
CA THR C 23 -14.21 -3.10 -0.83
C THR C 23 -12.84 -2.76 -1.36
N LEU C 24 -12.58 -3.09 -2.62
CA LEU C 24 -11.27 -2.84 -3.22
C LEU C 24 -10.96 -1.35 -3.36
N THR C 25 -12.00 -0.54 -3.57
CA THR C 25 -11.79 0.90 -3.66
C THR C 25 -11.37 1.46 -2.32
N VAL C 26 -12.07 1.02 -1.27
CA VAL C 26 -11.76 1.42 0.08
C VAL C 26 -10.33 1.00 0.45
N GLU C 27 -9.99 -0.25 0.19
CA GLU C 27 -8.67 -0.75 0.52
C GLU C 27 -7.56 -0.02 -0.25
N ARG C 28 -7.82 0.29 -1.52
CA ARG C 28 -6.82 0.91 -2.38
C ARG C 28 -6.62 2.38 -2.02
N LEU C 29 -7.71 3.08 -1.71
CA LEU C 29 -7.61 4.47 -1.26
C LEU C 29 -6.96 4.59 0.11
N LEU C 30 -7.30 3.66 1.00
CA LEU C 30 -6.78 3.67 2.36
C LEU C 30 -5.29 3.36 2.41
N GLU C 31 -4.89 2.24 1.82
CA GLU C 31 -3.54 1.68 1.98
C GLU C 31 -2.39 2.70 2.01
N PRO C 32 -2.19 3.48 0.92
CA PRO C 32 -1.00 4.34 0.91
C PRO C 32 -0.97 5.30 2.09
N LEU C 33 -1.98 6.14 2.22
CA LEU C 33 -2.09 7.11 3.31
C LEU C 33 -1.82 6.50 4.69
N VAL C 34 -2.51 5.41 4.98
CA VAL C 34 -2.35 4.73 6.28
C VAL C 34 -0.92 4.24 6.49
N THR C 35 -0.28 3.72 5.44
CA THR C 35 1.07 3.21 5.64
C THR C 35 2.08 4.35 5.86
N GLN C 36 1.98 5.40 5.06
CA GLN C 36 2.81 6.60 5.27
C GLN C 36 2.67 7.10 6.70
N VAL C 37 1.43 7.35 7.10
CA VAL C 37 1.15 7.87 8.43
C VAL C 37 1.69 6.94 9.52
N THR C 38 1.45 5.64 9.39
CA THR C 38 1.90 4.69 10.40
C THR C 38 3.42 4.70 10.55
N THR C 39 4.10 4.71 9.41
CA THR C 39 5.56 4.77 9.40
C THR C 39 6.04 6.02 10.12
N LEU C 40 5.46 7.16 9.75
CA LEU C 40 5.82 8.45 10.36
C LEU C 40 5.58 8.47 11.86
N VAL C 41 4.49 7.85 12.30
CA VAL C 41 4.19 7.76 13.72
C VAL C 41 5.20 6.84 14.42
N ASN C 42 5.78 5.92 13.68
CA ASN C 42 6.72 4.99 14.30
C ASN C 42 8.20 5.39 14.20
N THR C 43 8.46 6.69 14.10
CA THR C 43 9.83 7.19 14.02
C THR C 43 9.87 8.70 14.22
N SER C 56 16.21 13.56 11.80
CA SER C 56 15.45 14.78 11.56
C SER C 56 15.30 15.09 10.07
N LYS C 57 16.33 14.80 9.28
CA LYS C 57 16.27 15.03 7.85
C LYS C 57 15.27 14.09 7.20
N LYS C 58 15.26 12.84 7.67
CA LYS C 58 14.41 11.79 7.11
C LYS C 58 12.97 11.90 7.62
N ALA C 59 12.83 12.38 8.85
CA ALA C 59 11.51 12.60 9.43
C ALA C 59 10.70 13.58 8.56
N HIS C 60 11.38 14.60 8.06
CA HIS C 60 10.77 15.55 7.14
C HIS C 60 10.35 14.87 5.84
N VAL C 61 11.13 13.87 5.44
CA VAL C 61 10.83 13.14 4.22
C VAL C 61 9.53 12.36 4.41
N LEU C 62 9.47 11.61 5.51
CA LEU C 62 8.24 10.89 5.88
C LEU C 62 7.04 11.84 5.90
N ALA C 63 7.19 12.99 6.55
CA ALA C 63 6.13 13.99 6.58
C ALA C 63 5.74 14.45 5.17
N ALA C 64 6.73 14.52 4.29
CA ALA C 64 6.49 14.93 2.91
C ALA C 64 5.64 13.90 2.20
N SER C 65 6.01 12.64 2.39
CA SER C 65 5.28 11.53 1.80
C SER C 65 3.84 11.54 2.28
N VAL C 66 3.66 11.70 3.59
CA VAL C 66 2.33 11.79 4.17
C VAL C 66 1.53 12.92 3.52
N GLU C 67 2.17 14.07 3.29
CA GLU C 67 1.47 15.18 2.64
C GLU C 67 1.06 14.85 1.19
N GLN C 68 1.95 14.14 0.50
CA GLN C 68 1.66 13.71 -0.87
C GLN C 68 0.44 12.82 -0.86
N ALA C 69 0.55 11.70 -0.15
CA ALA C 69 -0.53 10.75 0.06
C ALA C 69 -1.84 11.45 0.42
N THR C 70 -1.75 12.45 1.28
CA THR C 70 -2.93 13.19 1.72
C THR C 70 -3.58 13.93 0.58
N GLN C 71 -2.76 14.60 -0.23
CA GLN C 71 -3.32 15.43 -1.27
C GLN C 71 -3.87 14.60 -2.44
N ASN C 72 -3.19 13.53 -2.80
CA ASN C 72 -3.72 12.72 -3.91
C ASN C 72 -4.96 11.93 -3.46
N PHE C 73 -4.98 11.48 -2.21
CA PHE C 73 -6.23 10.97 -1.64
C PHE C 73 -7.32 12.02 -1.70
N LEU C 74 -6.96 13.28 -1.49
CA LEU C 74 -7.94 14.36 -1.52
C LEU C 74 -8.53 14.53 -2.92
N GLU C 75 -7.68 14.35 -3.91
CA GLU C 75 -8.12 14.35 -5.31
C GLU C 75 -9.19 13.29 -5.53
N LYS C 76 -8.82 12.04 -5.25
CA LYS C 76 -9.76 10.91 -5.40
C LYS C 76 -11.06 11.16 -4.65
N GLY C 77 -10.96 11.77 -3.47
CA GLY C 77 -12.12 12.09 -2.66
C GLY C 77 -13.06 13.11 -3.27
N GLU C 78 -12.52 14.21 -3.78
CA GLU C 78 -13.42 15.21 -4.37
C GLU C 78 -14.05 14.64 -5.67
N GLN C 79 -13.30 13.83 -6.40
CA GLN C 79 -13.88 13.11 -7.54
C GLN C 79 -15.09 12.28 -7.10
N ILE C 80 -14.90 11.44 -6.08
CA ILE C 80 -15.99 10.66 -5.49
C ILE C 80 -17.20 11.53 -5.13
N ALA C 81 -16.92 12.68 -4.52
CA ALA C 81 -17.97 13.60 -4.14
C ALA C 81 -18.77 14.05 -5.35
N LYS C 82 -18.05 14.35 -6.44
CA LYS C 82 -18.68 14.82 -7.67
C LYS C 82 -19.56 13.73 -8.29
N GLU C 83 -19.00 12.54 -8.46
CA GLU C 83 -19.70 11.43 -9.12
C GLU C 83 -20.98 11.01 -8.42
N SER C 84 -21.05 11.17 -7.10
CA SER C 84 -22.15 10.61 -6.32
C SER C 84 -23.51 11.25 -6.62
N GLN C 85 -24.54 10.40 -6.63
CA GLN C 85 -25.91 10.82 -6.85
C GLN C 85 -26.71 10.69 -5.54
N ASP C 86 -26.13 9.96 -4.58
CA ASP C 86 -26.73 9.83 -3.26
C ASP C 86 -25.78 10.35 -2.18
N LEU C 87 -26.34 11.12 -1.24
CA LEU C 87 -25.58 11.73 -0.14
C LEU C 87 -24.44 12.63 -0.63
N LYS C 88 -24.73 13.48 -1.62
CA LYS C 88 -23.69 14.31 -2.25
C LYS C 88 -23.12 15.38 -1.31
N GLU C 89 -24.01 16.22 -0.78
CA GLU C 89 -23.63 17.29 0.14
C GLU C 89 -22.78 16.78 1.30
N GLU C 90 -23.28 15.73 1.96
CA GLU C 90 -22.57 15.08 3.04
C GLU C 90 -21.15 14.70 2.62
N LEU C 91 -21.01 14.15 1.41
CA LEU C 91 -19.70 13.75 0.91
C LEU C 91 -18.80 14.95 0.77
N VAL C 92 -19.36 16.06 0.28
CA VAL C 92 -18.57 17.28 0.11
C VAL C 92 -18.03 17.77 1.46
N ALA C 93 -18.93 17.85 2.44
CA ALA C 93 -18.57 18.21 3.79
C ALA C 93 -17.46 17.32 4.33
N ALA C 94 -17.61 16.01 4.14
CA ALA C 94 -16.64 15.04 4.62
C ALA C 94 -15.27 15.26 3.97
N VAL C 95 -15.29 15.68 2.72
CA VAL C 95 -14.06 15.97 2.00
C VAL C 95 -13.39 17.19 2.59
N GLU C 96 -14.17 18.24 2.84
CA GLU C 96 -13.68 19.46 3.49
C GLU C 96 -13.06 19.16 4.87
N ASP C 97 -13.75 18.32 5.64
CA ASP C 97 -13.26 17.88 6.94
C ASP C 97 -11.92 17.15 6.80
N VAL C 98 -11.79 16.36 5.72
CA VAL C 98 -10.53 15.69 5.46
C VAL C 98 -9.44 16.72 5.15
N ARG C 99 -9.83 17.78 4.44
CA ARG C 99 -8.88 18.84 4.09
C ARG C 99 -8.33 19.49 5.37
N LYS C 100 -9.22 19.87 6.27
CA LYS C 100 -8.82 20.50 7.53
C LYS C 100 -7.89 19.58 8.34
N GLN C 101 -8.36 18.36 8.63
CA GLN C 101 -7.54 17.41 9.39
C GLN C 101 -6.18 17.18 8.72
N GLY C 102 -6.14 17.34 7.40
CA GLY C 102 -4.93 17.16 6.64
C GLY C 102 -3.98 18.30 6.90
N GLU C 103 -4.51 19.51 6.91
CA GLU C 103 -3.72 20.71 7.22
C GLU C 103 -3.13 20.62 8.63
N THR C 104 -4.00 20.38 9.61
CA THR C 104 -3.57 20.18 10.99
C THR C 104 -2.46 19.13 11.07
N MET C 105 -2.64 18.04 10.35
CA MET C 105 -1.65 16.97 10.34
C MET C 105 -0.32 17.43 9.76
N ARG C 106 -0.38 18.22 8.68
CA ARG C 106 0.82 18.72 8.06
C ARG C 106 1.61 19.59 9.01
N ILE C 107 0.92 20.58 9.59
CA ILE C 107 1.54 21.49 10.54
C ILE C 107 2.17 20.74 11.72
N ALA C 108 1.35 19.94 12.41
CA ALA C 108 1.83 19.14 13.52
C ALA C 108 3.04 18.29 13.13
N SER C 109 3.04 17.75 11.92
CA SER C 109 4.10 16.82 11.49
C SER C 109 5.39 17.54 11.11
N SER C 110 5.29 18.76 10.60
CA SER C 110 6.49 19.54 10.33
C SER C 110 7.09 19.96 11.66
N GLU C 111 6.26 20.47 12.57
CA GLU C 111 6.75 20.90 13.88
C GLU C 111 7.33 19.70 14.63
N PHE C 112 6.86 18.52 14.30
CA PHE C 112 7.44 17.30 14.86
C PHE C 112 8.78 17.02 14.20
N ALA C 113 8.85 17.26 12.90
CA ALA C 113 10.05 16.95 12.13
C ALA C 113 11.22 17.81 12.57
N ASP C 114 10.96 19.11 12.75
CA ASP C 114 11.96 20.04 13.24
C ASP C 114 12.54 19.60 14.58
N ASP C 115 11.72 18.97 15.42
CA ASP C 115 12.18 18.53 16.73
C ASP C 115 11.71 17.09 17.02
N PRO C 116 12.39 16.10 16.42
CA PRO C 116 12.04 14.67 16.44
C PRO C 116 11.83 14.05 17.82
N CYS C 117 12.73 14.29 18.78
CA CYS C 117 12.65 13.58 20.05
C CYS C 117 11.64 14.21 21.01
N SER C 118 10.98 15.27 20.57
CA SER C 118 10.02 15.98 21.42
C SER C 118 8.74 15.16 21.67
N SER C 119 8.57 14.75 22.92
CA SER C 119 7.42 13.93 23.28
C SER C 119 6.11 14.68 23.06
N VAL C 120 6.06 15.93 23.48
CA VAL C 120 4.87 16.74 23.32
C VAL C 120 4.49 16.94 21.84
N LYS C 121 5.48 17.29 21.03
CA LYS C 121 5.27 17.50 19.61
C LYS C 121 4.83 16.19 18.93
N ARG C 122 5.39 15.09 19.40
CA ARG C 122 4.98 13.76 18.94
C ARG C 122 3.51 13.50 19.25
N GLY C 123 3.12 13.78 20.49
CA GLY C 123 1.75 13.60 20.92
C GLY C 123 0.80 14.40 20.06
N THR C 124 1.15 15.65 19.81
CA THR C 124 0.31 16.50 18.96
C THR C 124 0.18 15.88 17.57
N MET C 125 1.30 15.40 17.06
CA MET C 125 1.32 14.82 15.72
C MET C 125 0.42 13.58 15.63
N VAL C 126 0.56 12.68 16.60
CA VAL C 126 -0.20 11.43 16.63
C VAL C 126 -1.70 11.69 16.80
N ARG C 127 -2.05 12.63 17.66
CA ARG C 127 -3.46 12.99 17.79
C ARG C 127 -3.97 13.50 16.44
N ALA C 128 -3.15 14.31 15.77
CA ALA C 128 -3.55 14.88 14.49
C ALA C 128 -3.74 13.78 13.44
N ALA C 129 -2.88 12.77 13.50
CA ALA C 129 -2.92 11.62 12.62
C ALA C 129 -4.20 10.81 12.81
N ARG C 130 -4.49 10.43 14.05
CA ARG C 130 -5.73 9.74 14.37
C ARG C 130 -6.92 10.54 13.86
N ALA C 131 -6.88 11.85 14.05
CA ALA C 131 -7.99 12.68 13.59
C ALA C 131 -8.14 12.60 12.06
N LEU C 132 -7.01 12.62 11.36
CA LEU C 132 -7.00 12.53 9.91
C LEU C 132 -7.58 11.21 9.41
N LEU C 133 -7.00 10.10 9.86
CA LEU C 133 -7.46 8.79 9.47
C LEU C 133 -8.94 8.60 9.80
N SER C 134 -9.38 9.13 10.94
CA SER C 134 -10.79 9.06 11.29
C SER C 134 -11.67 9.79 10.27
N ALA C 135 -11.23 10.97 9.85
CA ALA C 135 -11.97 11.74 8.86
C ALA C 135 -12.07 11.00 7.52
N VAL C 136 -10.94 10.43 7.10
CA VAL C 136 -10.84 9.62 5.90
C VAL C 136 -11.84 8.46 5.96
N THR C 137 -11.75 7.69 7.05
CA THR C 137 -12.65 6.58 7.33
C THR C 137 -14.12 6.98 7.28
N ARG C 138 -14.44 8.14 7.82
CA ARG C 138 -15.81 8.60 7.80
C ARG C 138 -16.23 8.84 6.37
N LEU C 139 -15.33 9.44 5.60
CA LEU C 139 -15.59 9.75 4.20
C LEU C 139 -15.89 8.47 3.42
N LEU C 140 -15.01 7.47 3.56
CA LEU C 140 -15.16 6.19 2.88
C LEU C 140 -16.45 5.45 3.29
N ILE C 141 -16.73 5.39 4.59
CA ILE C 141 -17.95 4.71 5.05
C ILE C 141 -19.19 5.39 4.46
N LEU C 142 -19.20 6.71 4.51
CA LEU C 142 -20.28 7.48 3.90
C LEU C 142 -20.44 7.12 2.42
N ALA C 143 -19.32 7.04 1.71
CA ALA C 143 -19.31 6.77 0.26
C ALA C 143 -19.86 5.38 -0.09
N ASP C 144 -19.30 4.37 0.57
CA ASP C 144 -19.80 3.00 0.51
C ASP C 144 -21.32 2.96 0.69
N MET C 145 -21.79 3.71 1.69
CA MET C 145 -23.22 3.77 1.99
C MET C 145 -23.98 4.37 0.80
N ALA C 146 -23.39 5.36 0.14
CA ALA C 146 -24.01 5.97 -1.02
C ALA C 146 -24.20 4.95 -2.14
N ASP C 147 -23.12 4.22 -2.42
CA ASP C 147 -23.15 3.16 -3.43
C ASP C 147 -24.25 2.13 -3.16
N VAL C 148 -24.20 1.54 -1.96
CA VAL C 148 -25.22 0.58 -1.53
C VAL C 148 -26.63 1.12 -1.70
N MET C 149 -26.82 2.40 -1.40
CA MET C 149 -28.16 3.00 -1.50
C MET C 149 -28.63 3.16 -2.96
N ARG C 150 -27.70 3.49 -3.84
CA ARG C 150 -27.98 3.51 -5.26
C ARG C 150 -28.48 2.13 -5.71
N LEU C 151 -27.66 1.11 -5.43
CA LEU C 151 -27.98 -0.26 -5.78
C LEU C 151 -29.37 -0.67 -5.30
N LEU C 152 -29.65 -0.37 -4.03
CA LEU C 152 -30.93 -0.75 -3.42
C LEU C 152 -32.11 -0.02 -4.07
N SER C 153 -31.86 1.21 -4.49
CA SER C 153 -32.90 1.98 -5.13
C SER C 153 -33.28 1.27 -6.43
N HIS C 154 -32.25 0.95 -7.23
CA HIS C 154 -32.45 0.19 -8.45
C HIS C 154 -33.22 -1.12 -8.17
N LEU C 155 -32.75 -1.91 -7.21
CA LEU C 155 -33.39 -3.16 -6.85
C LEU C 155 -34.88 -2.99 -6.54
N LYS C 156 -35.24 -1.95 -5.79
CA LYS C 156 -36.66 -1.75 -5.44
C LYS C 156 -37.46 -1.44 -6.69
N ILE C 157 -36.92 -0.56 -7.53
CA ILE C 157 -37.56 -0.23 -8.79
C ILE C 157 -37.79 -1.46 -9.72
N VAL C 158 -36.79 -2.32 -9.85
CA VAL C 158 -36.90 -3.53 -10.65
C VAL C 158 -37.91 -4.49 -10.04
N GLU C 159 -37.86 -4.66 -8.72
CA GLU C 159 -38.83 -5.52 -8.06
C GLU C 159 -40.23 -5.06 -8.37
N GLU C 160 -40.47 -3.76 -8.26
CA GLU C 160 -41.81 -3.25 -8.52
C GLU C 160 -42.20 -3.45 -9.97
N ALA C 161 -41.26 -3.23 -10.89
CA ALA C 161 -41.55 -3.42 -12.32
C ALA C 161 -41.93 -4.87 -12.64
N LEU C 162 -41.25 -5.80 -12.00
CA LEU C 162 -41.56 -7.20 -12.21
C LEU C 162 -42.90 -7.57 -11.56
N GLU C 163 -43.20 -6.99 -10.40
CA GLU C 163 -44.53 -7.16 -9.82
C GLU C 163 -45.60 -6.70 -10.79
N ALA C 164 -45.34 -5.60 -11.47
CA ALA C 164 -46.31 -5.14 -12.45
C ALA C 164 -46.36 -6.13 -13.62
N VAL C 165 -45.25 -6.80 -13.91
CA VAL C 165 -45.28 -7.84 -14.95
C VAL C 165 -46.21 -8.97 -14.50
N LYS C 166 -45.99 -9.47 -13.31
CA LYS C 166 -46.81 -10.48 -12.69
C LYS C 166 -48.30 -10.10 -12.70
N ASN C 167 -48.63 -8.85 -12.44
CA ASN C 167 -50.03 -8.50 -12.29
C ASN C 167 -50.73 -8.04 -13.58
N ALA C 168 -50.02 -8.00 -14.70
CA ALA C 168 -50.67 -7.61 -15.96
C ALA C 168 -51.84 -8.55 -16.30
N THR C 169 -52.82 -8.04 -17.03
CA THR C 169 -54.07 -8.77 -17.25
C THR C 169 -54.34 -9.13 -18.71
N ASN C 170 -53.48 -8.69 -19.61
CA ASN C 170 -53.59 -9.05 -21.02
C ASN C 170 -52.24 -8.93 -21.74
N GLU C 171 -52.15 -9.45 -22.96
CA GLU C 171 -50.86 -9.54 -23.64
C GLU C 171 -50.26 -8.15 -23.89
N GLN C 172 -51.09 -7.19 -24.27
CA GLN C 172 -50.62 -5.82 -24.51
C GLN C 172 -49.99 -5.21 -23.26
N ASP C 173 -50.73 -5.22 -22.16
CA ASP C 173 -50.24 -4.63 -20.91
C ASP C 173 -49.07 -5.43 -20.35
N LEU C 174 -49.04 -6.74 -20.58
CA LEU C 174 -47.89 -7.57 -20.19
C LEU C 174 -46.62 -7.13 -20.91
N ALA C 175 -46.75 -6.93 -22.22
CA ALA C 175 -45.66 -6.46 -23.06
C ALA C 175 -45.17 -5.07 -22.59
N ASN C 176 -46.11 -4.18 -22.26
CA ASN C 176 -45.71 -2.86 -21.80
C ASN C 176 -44.99 -2.90 -20.44
N ARG C 177 -45.53 -3.65 -19.48
CA ARG C 177 -44.87 -3.74 -18.19
C ARG C 177 -43.48 -4.37 -18.34
N PHE C 178 -43.34 -5.30 -19.29
CA PHE C 178 -42.03 -5.92 -19.45
C PHE C 178 -41.07 -4.93 -20.11
N LYS C 179 -41.61 -4.09 -20.99
CA LYS C 179 -40.86 -3.00 -21.62
C LYS C 179 -40.26 -2.09 -20.54
N GLU C 180 -41.09 -1.66 -19.60
CA GLU C 180 -40.66 -0.82 -18.48
C GLU C 180 -39.61 -1.52 -17.61
N PHE C 181 -39.89 -2.77 -17.30
CA PHE C 181 -38.95 -3.55 -16.51
C PHE C 181 -37.59 -3.52 -17.17
N GLY C 182 -37.54 -3.69 -18.49
CA GLY C 182 -36.25 -3.78 -19.18
C GLY C 182 -35.39 -2.53 -19.00
N LYS C 183 -36.07 -1.37 -19.13
CA LYS C 183 -35.42 -0.08 -18.98
C LYS C 183 -34.80 0.07 -17.60
N GLU C 184 -35.53 -0.32 -16.55
CA GLU C 184 -34.91 -0.33 -15.22
C GLU C 184 -33.78 -1.36 -15.07
N MET C 185 -33.98 -2.51 -15.70
CA MET C 185 -33.10 -3.65 -15.52
C MET C 185 -31.70 -3.32 -16.02
N VAL C 186 -31.63 -2.57 -17.10
CA VAL C 186 -30.31 -2.24 -17.65
C VAL C 186 -29.52 -1.27 -16.74
N LYS C 187 -30.24 -0.40 -16.04
CA LYS C 187 -29.58 0.47 -15.09
C LYS C 187 -29.05 -0.39 -13.96
N LEU C 188 -29.96 -1.16 -13.34
CA LEU C 188 -29.59 -2.03 -12.24
C LEU C 188 -28.41 -2.95 -12.56
N ASN C 189 -28.29 -3.39 -13.80
CA ASN C 189 -27.28 -4.39 -14.14
C ASN C 189 -25.83 -3.88 -14.04
N TYR C 190 -25.59 -2.66 -14.51
CA TYR C 190 -24.25 -2.10 -14.44
C TYR C 190 -23.86 -1.84 -12.99
N VAL C 191 -24.73 -1.13 -12.28
CA VAL C 191 -24.57 -0.85 -10.86
C VAL C 191 -24.23 -2.11 -10.07
N ALA C 192 -25.04 -3.15 -10.24
CA ALA C 192 -24.85 -4.40 -9.54
C ALA C 192 -23.54 -5.06 -9.92
N ALA C 193 -23.20 -5.04 -11.22
CA ALA C 193 -21.93 -5.62 -11.68
C ALA C 193 -20.70 -4.89 -11.12
N ARG C 194 -20.76 -3.56 -11.13
CA ARG C 194 -19.78 -2.66 -10.54
C ARG C 194 -19.56 -3.02 -9.07
N ARG C 195 -20.68 -3.13 -8.35
CA ARG C 195 -20.64 -3.47 -6.93
C ARG C 195 -19.97 -4.80 -6.77
N GLN C 196 -20.37 -5.75 -7.61
CA GLN C 196 -19.84 -7.10 -7.57
C GLN C 196 -18.32 -7.09 -7.73
N GLN C 197 -17.83 -6.21 -8.62
CA GLN C 197 -16.39 -6.06 -8.86
C GLN C 197 -15.64 -5.49 -7.65
N GLU C 198 -16.35 -4.77 -6.79
CA GLU C 198 -15.72 -4.16 -5.61
C GLU C 198 -15.50 -5.14 -4.44
N LEU C 199 -16.31 -6.16 -4.32
CA LEU C 199 -16.25 -7.03 -3.14
C LEU C 199 -14.93 -7.81 -3.08
N LYS C 200 -14.24 -7.69 -1.95
CA LYS C 200 -12.92 -8.31 -1.80
C LYS C 200 -13.02 -9.82 -1.58
N ASP C 201 -14.02 -10.24 -0.81
CA ASP C 201 -14.23 -11.66 -0.50
C ASP C 201 -14.94 -12.40 -1.63
N PRO C 202 -14.24 -13.34 -2.30
CA PRO C 202 -14.77 -14.07 -3.45
C PRO C 202 -16.02 -14.90 -3.13
N HIS C 203 -16.20 -15.29 -1.87
CA HIS C 203 -17.44 -15.96 -1.47
C HIS C 203 -18.59 -15.01 -1.73
N CYS C 204 -18.48 -13.82 -1.15
CA CYS C 204 -19.47 -12.76 -1.36
C CYS C 204 -19.64 -12.46 -2.85
N ARG C 205 -18.51 -12.30 -3.53
CA ARG C 205 -18.50 -11.93 -4.93
C ARG C 205 -19.32 -12.90 -5.79
N ASP C 206 -18.96 -14.17 -5.71
CA ASP C 206 -19.61 -15.20 -6.50
C ASP C 206 -21.07 -15.37 -6.08
N GLU C 207 -21.34 -15.26 -4.78
CA GLU C 207 -22.72 -15.32 -4.29
C GLU C 207 -23.60 -14.26 -4.95
N MET C 208 -23.04 -13.06 -5.07
CA MET C 208 -23.75 -11.97 -5.72
C MET C 208 -23.94 -12.26 -7.20
N ALA C 209 -22.93 -12.87 -7.82
CA ALA C 209 -23.06 -13.23 -9.23
C ALA C 209 -24.22 -14.21 -9.46
N ALA C 210 -24.36 -15.17 -8.55
CA ALA C 210 -25.44 -16.14 -8.63
C ALA C 210 -26.80 -15.50 -8.40
N ALA C 211 -26.89 -14.57 -7.45
CA ALA C 211 -28.18 -13.91 -7.22
C ALA C 211 -28.58 -13.09 -8.43
N ARG C 212 -27.59 -12.49 -9.09
CA ARG C 212 -27.87 -11.66 -10.25
C ARG C 212 -28.32 -12.49 -11.45
N GLY C 213 -27.60 -13.59 -11.68
CA GLY C 213 -27.97 -14.57 -12.68
C GLY C 213 -29.39 -15.09 -12.43
N ALA C 214 -29.68 -15.42 -11.18
CA ALA C 214 -31.01 -15.89 -10.82
C ALA C 214 -32.09 -14.85 -11.14
N LEU C 215 -31.80 -13.58 -10.87
CA LEU C 215 -32.79 -12.54 -11.19
C LEU C 215 -33.04 -12.52 -12.68
N LYS C 216 -31.97 -12.50 -13.46
CA LYS C 216 -32.09 -12.42 -14.91
C LYS C 216 -32.93 -13.61 -15.45
N LYS C 217 -32.59 -14.81 -14.99
CA LYS C 217 -33.28 -16.02 -15.40
C LYS C 217 -34.78 -15.98 -15.03
N ASN C 218 -35.04 -15.53 -13.81
CA ASN C 218 -36.43 -15.50 -13.34
C ASN C 218 -37.27 -14.40 -13.99
N ALA C 219 -36.62 -13.41 -14.60
CA ALA C 219 -37.40 -12.39 -15.30
C ALA C 219 -38.02 -12.95 -16.59
N THR C 220 -37.23 -13.72 -17.32
CA THR C 220 -37.79 -14.39 -18.50
C THR C 220 -38.84 -15.39 -18.05
N MET C 221 -38.50 -16.22 -17.06
CA MET C 221 -39.46 -17.21 -16.59
C MET C 221 -40.77 -16.54 -16.14
N LEU C 222 -40.66 -15.36 -15.53
CA LEU C 222 -41.86 -14.65 -15.09
C LEU C 222 -42.67 -14.23 -16.27
N TYR C 223 -42.00 -13.74 -17.32
CA TYR C 223 -42.72 -13.31 -18.49
C TYR C 223 -43.47 -14.49 -19.13
N THR C 224 -42.75 -15.59 -19.30
CA THR C 224 -43.32 -16.78 -19.93
C THR C 224 -44.48 -17.37 -19.10
N ALA C 225 -44.31 -17.39 -17.78
CA ALA C 225 -45.34 -17.87 -16.88
C ALA C 225 -46.60 -17.00 -17.00
N SER C 226 -46.44 -15.68 -16.95
CA SER C 226 -47.56 -14.77 -17.14
C SER C 226 -48.23 -15.00 -18.48
N GLN C 227 -47.44 -15.30 -19.51
CA GLN C 227 -48.04 -15.58 -20.81
C GLN C 227 -48.88 -16.88 -20.73
N ALA C 228 -48.36 -17.86 -20.02
CA ALA C 228 -49.01 -19.16 -19.90
C ALA C 228 -50.34 -19.02 -19.17
N PHE C 229 -50.35 -18.23 -18.11
CA PHE C 229 -51.60 -17.91 -17.41
C PHE C 229 -52.59 -17.19 -18.32
N LEU C 230 -52.16 -16.14 -19.00
CA LEU C 230 -53.11 -15.41 -19.84
C LEU C 230 -53.71 -16.34 -20.91
N ARG C 231 -52.89 -17.23 -21.46
CA ARG C 231 -53.35 -18.17 -22.46
C ARG C 231 -54.27 -19.25 -21.85
N HIS C 232 -54.10 -19.58 -20.58
CA HIS C 232 -54.93 -20.58 -19.91
C HIS C 232 -55.32 -20.18 -18.50
N PRO C 233 -56.16 -19.15 -18.35
CA PRO C 233 -56.45 -18.65 -16.99
C PRO C 233 -57.30 -19.67 -16.23
N ASP C 234 -57.90 -20.57 -16.99
CA ASP C 234 -58.71 -21.67 -16.51
C ASP C 234 -57.88 -22.68 -15.70
N VAL C 235 -56.67 -22.96 -16.16
CA VAL C 235 -55.78 -23.94 -15.54
C VAL C 235 -55.11 -23.42 -14.29
N ALA C 236 -55.26 -24.13 -13.17
CA ALA C 236 -54.76 -23.67 -11.87
C ALA C 236 -53.24 -23.72 -11.77
N ALA C 237 -52.65 -24.73 -12.41
CA ALA C 237 -51.21 -24.87 -12.49
C ALA C 237 -50.50 -23.61 -13.00
N THR C 238 -51.09 -22.91 -13.98
CA THR C 238 -50.44 -21.72 -14.52
C THR C 238 -50.37 -20.59 -13.49
N ARG C 239 -51.49 -20.27 -12.85
CA ARG C 239 -51.49 -19.26 -11.80
C ARG C 239 -50.49 -19.60 -10.68
N ALA C 240 -50.45 -20.88 -10.31
CA ALA C 240 -49.51 -21.32 -9.27
C ALA C 240 -48.05 -21.08 -9.68
N ASN C 241 -47.74 -21.42 -10.93
CA ASN C 241 -46.37 -21.32 -11.43
C ASN C 241 -45.94 -19.84 -11.56
N ARG C 242 -46.83 -19.01 -12.06
CA ARG C 242 -46.57 -17.57 -12.11
C ARG C 242 -46.24 -17.06 -10.72
N ASP C 243 -47.12 -17.36 -9.76
CA ASP C 243 -46.89 -16.92 -8.37
C ASP C 243 -45.54 -17.40 -7.84
N TYR C 244 -45.23 -18.66 -8.13
CA TYR C 244 -44.00 -19.24 -7.64
C TYR C 244 -42.78 -18.53 -8.18
N VAL C 245 -42.82 -18.25 -9.48
CA VAL C 245 -41.71 -17.58 -10.16
C VAL C 245 -41.51 -16.21 -9.55
N PHE C 246 -42.60 -15.49 -9.33
CA PHE C 246 -42.46 -14.16 -8.74
C PHE C 246 -41.80 -14.25 -7.37
N LYS C 247 -42.07 -15.35 -6.66
CA LYS C 247 -41.40 -15.55 -5.37
C LYS C 247 -39.91 -15.74 -5.58
N GLN C 248 -39.55 -16.47 -6.63
CA GLN C 248 -38.14 -16.66 -6.96
C GLN C 248 -37.43 -15.35 -7.31
N VAL C 249 -38.17 -14.49 -7.99
CA VAL C 249 -37.67 -13.15 -8.29
C VAL C 249 -37.37 -12.43 -7.00
N GLN C 250 -38.33 -12.42 -6.07
CA GLN C 250 -38.14 -11.74 -4.80
C GLN C 250 -36.95 -12.28 -4.02
N GLU C 251 -36.79 -13.60 -4.03
CA GLU C 251 -35.62 -14.17 -3.40
C GLU C 251 -34.34 -13.67 -4.06
N ALA C 252 -34.29 -13.69 -5.39
CA ALA C 252 -33.08 -13.28 -6.13
C ALA C 252 -32.69 -11.82 -5.80
N ILE C 253 -33.68 -10.95 -5.72
CA ILE C 253 -33.47 -9.54 -5.40
C ILE C 253 -32.90 -9.37 -3.99
N ALA C 254 -33.56 -10.04 -3.05
CA ALA C 254 -33.10 -10.07 -1.67
C ALA C 254 -31.66 -10.57 -1.60
N GLY C 255 -31.34 -11.55 -2.45
CA GLY C 255 -30.02 -12.13 -2.47
C GLY C 255 -28.96 -11.16 -2.98
N ILE C 256 -29.35 -10.36 -3.97
CA ILE C 256 -28.41 -9.37 -4.47
C ILE C 256 -28.13 -8.33 -3.39
N SER C 257 -29.17 -7.72 -2.83
CA SER C 257 -28.96 -6.71 -1.79
C SER C 257 -28.17 -7.27 -0.62
N SER C 258 -28.46 -8.50 -0.23
CA SER C 258 -27.71 -9.12 0.84
C SER C 258 -26.23 -9.28 0.51
N ALA C 259 -25.93 -9.83 -0.66
CA ALA C 259 -24.54 -10.09 -1.02
C ALA C 259 -23.75 -8.80 -1.22
N ALA C 260 -24.46 -7.74 -1.61
CA ALA C 260 -23.83 -6.45 -1.92
C ALA C 260 -23.40 -5.71 -0.66
N GLN C 261 -24.13 -5.95 0.42
CA GLN C 261 -23.79 -5.36 1.70
C GLN C 261 -22.84 -6.27 2.45
N ALA C 262 -22.08 -7.05 1.68
CA ALA C 262 -21.15 -8.05 2.21
C ALA C 262 -21.88 -9.00 3.14
N GLU D 20 -12.51 4.96 16.89
CA GLU D 20 -12.98 5.26 18.24
C GLU D 20 -13.68 6.62 18.31
N ILE D 21 -14.93 6.67 17.84
CA ILE D 21 -15.75 7.88 17.88
C ILE D 21 -16.11 8.21 19.35
N ARG D 22 -16.06 9.51 19.69
CA ARG D 22 -16.29 9.92 21.07
C ARG D 22 -17.55 10.79 21.21
N THR D 23 -18.55 10.20 21.84
CA THR D 23 -19.83 10.84 22.09
C THR D 23 -20.53 9.96 23.12
N LEU D 24 -21.14 10.57 24.12
CA LEU D 24 -21.80 9.82 25.19
C LEU D 24 -23.00 9.03 24.67
N THR D 25 -23.69 9.54 23.65
CA THR D 25 -24.82 8.81 23.09
C THR D 25 -24.33 7.56 22.38
N VAL D 26 -23.25 7.71 21.62
CA VAL D 26 -22.65 6.60 20.92
C VAL D 26 -22.17 5.54 21.91
N GLU D 27 -21.44 5.97 22.94
CA GLU D 27 -20.92 5.04 23.93
C GLU D 27 -22.05 4.32 24.70
N ARG D 28 -23.11 5.05 25.02
CA ARG D 28 -24.21 4.49 25.81
C ARG D 28 -25.06 3.52 24.98
N LEU D 29 -25.30 3.85 23.72
CA LEU D 29 -26.02 2.94 22.82
C LEU D 29 -25.20 1.69 22.51
N LEU D 30 -23.90 1.88 22.31
CA LEU D 30 -23.01 0.78 21.95
C LEU D 30 -22.82 -0.21 23.08
N GLU D 31 -22.43 0.30 24.25
CA GLU D 31 -21.99 -0.53 25.38
C GLU D 31 -22.78 -1.83 25.61
N PRO D 32 -24.10 -1.74 25.89
CA PRO D 32 -24.79 -2.98 26.25
C PRO D 32 -24.69 -4.05 25.17
N LEU D 33 -25.18 -3.73 23.97
CA LEU D 33 -25.13 -4.65 22.83
C LEU D 33 -23.76 -5.29 22.62
N VAL D 34 -22.72 -4.47 22.58
CA VAL D 34 -21.36 -4.98 22.37
C VAL D 34 -20.93 -5.92 23.49
N THR D 35 -21.30 -5.62 24.73
CA THR D 35 -20.86 -6.49 25.83
C THR D 35 -21.59 -7.84 25.79
N GLN D 36 -22.91 -7.81 25.59
CA GLN D 36 -23.68 -9.04 25.41
C GLN D 36 -23.08 -9.91 24.32
N VAL D 37 -22.91 -9.31 23.14
CA VAL D 37 -22.38 -10.02 22.00
C VAL D 37 -20.99 -10.60 22.29
N THR D 38 -20.11 -9.79 22.86
CA THR D 38 -18.74 -10.23 23.15
C THR D 38 -18.75 -11.44 24.10
N THR D 39 -19.56 -11.34 25.15
CA THR D 39 -19.68 -12.43 26.11
C THR D 39 -20.13 -13.70 25.40
N LEU D 40 -21.20 -13.59 24.61
CA LEU D 40 -21.75 -14.72 23.86
C LEU D 40 -20.72 -15.34 22.92
N VAL D 41 -19.91 -14.51 22.27
CA VAL D 41 -18.86 -14.99 21.39
C VAL D 41 -17.77 -15.70 22.19
N ASN D 42 -17.63 -15.33 23.46
CA ASN D 42 -16.58 -15.95 24.27
C ASN D 42 -17.02 -17.14 25.11
N THR D 43 -18.06 -17.85 24.66
CA THR D 43 -18.54 -19.03 25.36
C THR D 43 -19.52 -19.82 24.50
N SER D 56 -25.07 -25.22 27.45
CA SER D 56 -26.11 -25.12 26.42
C SER D 56 -27.33 -24.38 26.93
N LYS D 57 -27.69 -24.60 28.19
CA LYS D 57 -28.82 -23.92 28.80
C LYS D 57 -28.52 -22.43 28.94
N LYS D 58 -27.28 -22.13 29.35
CA LYS D 58 -26.85 -20.76 29.60
C LYS D 58 -26.50 -20.02 28.31
N ALA D 59 -26.02 -20.77 27.32
CA ALA D 59 -25.71 -20.20 26.02
C ALA D 59 -26.97 -19.58 25.40
N HIS D 60 -28.09 -20.27 25.59
CA HIS D 60 -29.39 -19.75 25.15
C HIS D 60 -29.75 -18.46 25.89
N VAL D 61 -29.34 -18.38 27.16
CA VAL D 61 -29.60 -17.21 27.96
C VAL D 61 -28.83 -16.03 27.39
N LEU D 62 -27.53 -16.22 27.18
CA LEU D 62 -26.70 -15.19 26.53
C LEU D 62 -27.32 -14.74 25.21
N ALA D 63 -27.72 -15.70 24.38
CA ALA D 63 -28.39 -15.38 23.11
C ALA D 63 -29.65 -14.54 23.33
N ALA D 64 -30.36 -14.84 24.41
CA ALA D 64 -31.59 -14.11 24.75
C ALA D 64 -31.27 -12.67 25.09
N SER D 65 -30.23 -12.50 25.89
CA SER D 65 -29.78 -11.18 26.27
C SER D 65 -29.39 -10.37 25.05
N VAL D 66 -28.60 -11.00 24.17
CA VAL D 66 -28.20 -10.37 22.92
C VAL D 66 -29.43 -9.93 22.11
N GLU D 67 -30.46 -10.78 22.06
CA GLU D 67 -31.67 -10.41 21.35
C GLU D 67 -32.41 -9.21 21.99
N GLN D 68 -32.41 -9.17 23.32
CA GLN D 68 -33.00 -8.06 24.06
C GLN D 68 -32.28 -6.78 23.69
N ALA D 69 -30.98 -6.76 23.99
CA ALA D 69 -30.08 -5.66 23.65
C ALA D 69 -30.29 -5.19 22.21
N THR D 70 -30.43 -6.15 21.30
CA THR D 70 -30.61 -5.84 19.88
C THR D 70 -31.91 -5.09 19.64
N GLN D 71 -32.99 -5.55 20.27
CA GLN D 71 -34.28 -4.95 19.98
C GLN D 71 -34.43 -3.58 20.64
N ASN D 72 -33.92 -3.42 21.86
CA ASN D 72 -34.06 -2.11 22.49
C ASN D 72 -33.11 -1.08 21.83
N PHE D 73 -31.92 -1.54 21.40
CA PHE D 73 -31.11 -0.70 20.54
C PHE D 73 -31.87 -0.31 19.27
N LEU D 74 -32.66 -1.24 18.75
CA LEU D 74 -33.42 -0.96 17.53
C LEU D 74 -34.46 0.12 17.75
N GLU D 75 -35.06 0.11 18.94
CA GLU D 75 -35.98 1.15 19.37
C GLU D 75 -35.28 2.51 19.30
N LYS D 76 -34.20 2.64 20.08
CA LYS D 76 -33.42 3.89 20.11
C LYS D 76 -33.03 4.35 18.70
N GLY D 77 -32.69 3.39 17.85
CA GLY D 77 -32.31 3.67 16.48
C GLY D 77 -33.42 4.23 15.62
N GLU D 78 -34.61 3.64 15.66
CA GLU D 78 -35.69 4.18 14.84
C GLU D 78 -36.12 5.55 15.38
N GLN D 79 -36.06 5.74 16.70
CA GLN D 79 -36.27 7.08 17.26
C GLN D 79 -35.30 8.10 16.65
N ILE D 80 -34.01 7.79 16.69
CA ILE D 80 -32.98 8.62 16.06
C ILE D 80 -33.32 8.94 14.61
N ALA D 81 -33.76 7.91 13.87
CA ALA D 81 -34.12 8.08 12.48
C ALA D 81 -35.23 9.10 12.33
N LYS D 82 -36.23 9.02 13.21
CA LYS D 82 -37.37 9.92 13.18
C LYS D 82 -36.94 11.37 13.45
N GLU D 83 -36.23 11.57 14.56
CA GLU D 83 -35.82 12.89 15.01
C GLU D 83 -34.96 13.66 13.99
N SER D 84 -34.19 12.94 13.19
CA SER D 84 -33.19 13.58 12.33
C SER D 84 -33.79 14.45 11.23
N GLN D 85 -33.12 15.58 10.98
CA GLN D 85 -33.50 16.52 9.94
C GLN D 85 -32.48 16.48 8.82
N ASP D 86 -31.33 15.87 9.08
CA ASP D 86 -30.30 15.68 8.07
C ASP D 86 -30.00 14.18 7.87
N LEU D 87 -29.89 13.77 6.60
CA LEU D 87 -29.64 12.38 6.23
C LEU D 87 -30.68 11.41 6.79
N LYS D 88 -31.96 11.77 6.67
CA LYS D 88 -33.05 10.98 7.25
C LYS D 88 -33.23 9.61 6.59
N GLU D 89 -33.43 9.62 5.28
CA GLU D 89 -33.61 8.39 4.50
C GLU D 89 -32.49 7.39 4.76
N GLU D 90 -31.26 7.85 4.62
CA GLU D 90 -30.08 7.04 4.89
C GLU D 90 -30.16 6.39 6.27
N LEU D 91 -30.60 7.15 7.27
CA LEU D 91 -30.71 6.63 8.63
C LEU D 91 -31.74 5.53 8.68
N VAL D 92 -32.84 5.72 7.98
CA VAL D 92 -33.89 4.70 7.95
C VAL D 92 -33.36 3.38 7.37
N ALA D 93 -32.72 3.49 6.22
CA ALA D 93 -32.08 2.36 5.57
C ALA D 93 -31.11 1.66 6.51
N ALA D 94 -30.29 2.44 7.20
CA ALA D 94 -29.30 1.90 8.13
C ALA D 94 -29.96 1.15 9.27
N VAL D 95 -31.12 1.64 9.68
CA VAL D 95 -31.89 0.97 10.73
C VAL D 95 -32.42 -0.37 10.23
N GLU D 96 -32.99 -0.37 9.03
CA GLU D 96 -33.46 -1.61 8.39
C GLU D 96 -32.33 -2.64 8.26
N ASP D 97 -31.15 -2.18 7.84
CA ASP D 97 -29.98 -3.03 7.73
C ASP D 97 -29.61 -3.62 9.10
N VAL D 98 -29.76 -2.82 10.15
CA VAL D 98 -29.51 -3.32 11.50
C VAL D 98 -30.54 -4.39 11.85
N ARG D 99 -31.77 -4.19 11.40
CA ARG D 99 -32.83 -5.17 11.66
C ARG D 99 -32.48 -6.52 11.03
N LYS D 100 -32.10 -6.51 9.76
CA LYS D 100 -31.72 -7.74 9.06
C LYS D 100 -30.54 -8.44 9.75
N GLN D 101 -29.44 -7.71 9.93
CA GLN D 101 -28.27 -8.30 10.60
C GLN D 101 -28.62 -8.85 11.98
N GLY D 102 -29.65 -8.26 12.59
CA GLY D 102 -30.08 -8.66 13.91
C GLY D 102 -30.80 -9.99 13.83
N GLU D 103 -31.64 -10.13 12.81
CA GLU D 103 -32.35 -11.39 12.57
C GLU D 103 -31.36 -12.53 12.29
N THR D 104 -30.48 -12.31 11.32
CA THR D 104 -29.42 -13.25 11.01
C THR D 104 -28.65 -13.66 12.27
N MET D 105 -28.33 -12.67 13.10
CA MET D 105 -27.60 -12.93 14.32
C MET D 105 -28.40 -13.80 15.30
N ARG D 106 -29.70 -13.54 15.38
CA ARG D 106 -30.57 -14.30 16.26
C ARG D 106 -30.59 -15.76 15.85
N ILE D 107 -30.89 -15.99 14.57
CA ILE D 107 -30.95 -17.34 14.02
C ILE D 107 -29.63 -18.08 14.23
N ALA D 108 -28.53 -17.50 13.75
CA ALA D 108 -27.22 -18.09 13.92
C ALA D 108 -26.92 -18.41 15.39
N SER D 109 -27.35 -17.53 16.30
CA SER D 109 -27.02 -17.69 17.72
C SER D 109 -27.87 -18.74 18.41
N SER D 110 -29.11 -18.92 17.95
CA SER D 110 -29.92 -20.01 18.50
C SER D 110 -29.36 -21.34 18.01
N GLU D 111 -29.08 -21.42 16.71
CA GLU D 111 -28.52 -22.64 16.15
C GLU D 111 -27.17 -22.95 16.79
N PHE D 112 -26.50 -21.92 17.26
CA PHE D 112 -25.26 -22.11 18.01
C PHE D 112 -25.56 -22.62 19.40
N ALA D 113 -26.63 -22.10 19.99
CA ALA D 113 -26.99 -22.44 21.36
C ALA D 113 -27.37 -23.90 21.48
N ASP D 114 -28.18 -24.36 20.54
CA ASP D 114 -28.60 -25.75 20.46
C ASP D 114 -27.40 -26.69 20.40
N ASP D 115 -26.33 -26.26 19.73
CA ASP D 115 -25.13 -27.09 19.61
C ASP D 115 -23.86 -26.28 19.90
N PRO D 116 -23.58 -26.02 21.19
CA PRO D 116 -22.50 -25.17 21.69
C PRO D 116 -21.09 -25.47 21.16
N CYS D 117 -20.66 -26.72 21.16
CA CYS D 117 -19.27 -27.03 20.81
C CYS D 117 -19.03 -27.06 19.31
N SER D 118 -20.08 -26.81 18.53
CA SER D 118 -19.97 -26.86 17.07
C SER D 118 -19.12 -25.71 16.51
N SER D 119 -17.97 -26.05 15.96
CA SER D 119 -17.07 -25.05 15.42
C SER D 119 -17.69 -24.29 14.26
N VAL D 120 -18.32 -25.03 13.35
CA VAL D 120 -18.96 -24.42 12.19
C VAL D 120 -20.10 -23.45 12.60
N LYS D 121 -20.96 -23.91 13.51
CA LYS D 121 -22.07 -23.08 13.98
C LYS D 121 -21.54 -21.85 14.72
N ARG D 122 -20.44 -22.02 15.44
CA ARG D 122 -19.76 -20.90 16.09
C ARG D 122 -19.28 -19.87 15.08
N GLY D 123 -18.63 -20.36 14.02
CA GLY D 123 -18.13 -19.52 12.96
C GLY D 123 -19.25 -18.72 12.35
N THR D 124 -20.36 -19.38 12.05
CA THR D 124 -21.51 -18.69 11.48
C THR D 124 -22.00 -17.59 12.42
N MET D 125 -22.06 -17.94 13.71
CA MET D 125 -22.54 -17.00 14.71
C MET D 125 -21.65 -15.76 14.80
N VAL D 126 -20.33 -15.97 14.86
CA VAL D 126 -19.36 -14.89 14.99
C VAL D 126 -19.36 -13.99 13.76
N ARG D 127 -19.45 -14.59 12.58
CA ARG D 127 -19.55 -13.79 11.37
C ARG D 127 -20.81 -12.93 11.43
N ALA D 128 -21.89 -13.52 11.93
CA ALA D 128 -23.16 -12.81 12.01
C ALA D 128 -23.05 -11.64 13.00
N ALA D 129 -22.31 -11.87 14.08
CA ALA D 129 -22.07 -10.88 15.11
C ALA D 129 -21.28 -9.68 14.56
N ARG D 130 -20.15 -9.96 13.93
CA ARG D 130 -19.37 -8.91 13.30
C ARG D 130 -20.23 -8.12 12.33
N ALA D 131 -21.06 -8.81 11.57
CA ALA D 131 -21.93 -8.13 10.62
C ALA D 131 -22.89 -7.18 11.35
N LEU D 132 -23.45 -7.65 12.45
CA LEU D 132 -24.36 -6.85 13.26
C LEU D 132 -23.70 -5.59 13.81
N LEU D 133 -22.61 -5.79 14.56
CA LEU D 133 -21.89 -4.66 15.13
C LEU D 133 -21.46 -3.67 14.06
N SER D 134 -21.05 -4.18 12.90
CA SER D 134 -20.68 -3.30 11.80
C SER D 134 -21.88 -2.44 11.34
N ALA D 135 -23.04 -3.06 11.22
CA ALA D 135 -24.25 -2.32 10.84
C ALA D 135 -24.60 -1.23 11.85
N VAL D 136 -24.52 -1.59 13.14
CA VAL D 136 -24.75 -0.68 14.25
C VAL D 136 -23.81 0.53 14.15
N THR D 137 -22.52 0.22 14.05
CA THR D 137 -21.46 1.21 13.88
C THR D 137 -21.71 2.15 12.70
N ARG D 138 -22.18 1.59 11.59
CA ARG D 138 -22.46 2.41 10.42
C ARG D 138 -23.59 3.37 10.75
N LEU D 139 -24.59 2.84 11.45
CA LEU D 139 -25.74 3.64 11.83
C LEU D 139 -25.32 4.82 12.70
N LEU D 140 -24.53 4.53 13.73
CA LEU D 140 -24.07 5.56 14.66
C LEU D 140 -23.19 6.60 13.98
N ILE D 141 -22.24 6.16 13.14
CA ILE D 141 -21.37 7.11 12.42
C ILE D 141 -22.19 8.03 11.53
N LEU D 142 -23.13 7.44 10.80
CA LEU D 142 -24.05 8.21 9.99
C LEU D 142 -24.78 9.26 10.83
N ALA D 143 -25.27 8.85 11.99
CA ALA D 143 -26.05 9.73 12.89
C ALA D 143 -25.25 10.91 13.43
N ASP D 144 -24.09 10.58 13.99
CA ASP D 144 -23.11 11.58 14.41
C ASP D 144 -22.87 12.61 13.31
N MET D 145 -22.71 12.11 12.08
CA MET D 145 -22.49 12.98 10.93
C MET D 145 -23.70 13.90 10.71
N ALA D 146 -24.89 13.37 10.93
CA ALA D 146 -26.11 14.18 10.79
C ALA D 146 -26.10 15.35 11.77
N ASP D 147 -25.82 15.03 13.03
CA ASP D 147 -25.72 16.04 14.09
C ASP D 147 -24.72 17.15 13.74
N VAL D 148 -23.48 16.74 13.46
CA VAL D 148 -22.44 17.67 13.06
C VAL D 148 -22.87 18.58 11.90
N MET D 149 -23.58 18.00 10.94
CA MET D 149 -24.03 18.77 9.78
C MET D 149 -25.10 19.81 10.11
N ARG D 150 -26.00 19.44 11.02
CA ARG D 150 -26.97 20.38 11.55
C ARG D 150 -26.24 21.59 12.18
N LEU D 151 -25.35 21.27 13.13
CA LEU D 151 -24.57 22.30 13.80
C LEU D 151 -23.87 23.23 12.83
N LEU D 152 -23.20 22.65 11.82
CA LEU D 152 -22.45 23.43 10.86
C LEU D 152 -23.35 24.31 10.00
N SER D 153 -24.56 23.82 9.75
CA SER D 153 -25.50 24.59 8.96
C SER D 153 -25.84 25.85 9.75
N HIS D 154 -26.21 25.65 11.01
CA HIS D 154 -26.46 26.78 11.91
C HIS D 154 -25.27 27.76 11.92
N LEU D 155 -24.06 27.25 12.18
CA LEU D 155 -22.87 28.08 12.21
C LEU D 155 -22.71 28.93 10.95
N LYS D 156 -22.93 28.35 9.78
CA LYS D 156 -22.78 29.11 8.53
C LYS D 156 -23.81 30.23 8.47
N ILE D 157 -25.05 29.89 8.80
CA ILE D 157 -26.12 30.87 8.84
C ILE D 157 -25.84 32.06 9.80
N VAL D 158 -25.35 31.77 11.00
CA VAL D 158 -25.01 32.79 11.98
C VAL D 158 -23.82 33.64 11.49
N GLU D 159 -22.81 32.98 10.94
CA GLU D 159 -21.68 33.72 10.38
C GLU D 159 -22.15 34.72 9.36
N GLU D 160 -23.02 34.27 8.45
CA GLU D 160 -23.49 35.15 7.40
C GLU D 160 -24.32 36.29 8.00
N ALA D 161 -25.16 35.99 8.98
CA ALA D 161 -25.97 37.03 9.62
C ALA D 161 -25.10 38.11 10.27
N LEU D 162 -24.02 37.69 10.92
CA LEU D 162 -23.14 38.63 11.55
C LEU D 162 -22.35 39.43 10.49
N GLU D 163 -21.95 38.79 9.39
CA GLU D 163 -21.37 39.52 8.28
C GLU D 163 -22.32 40.62 7.81
N ALA D 164 -23.60 40.31 7.75
CA ALA D 164 -24.56 41.34 7.36
C ALA D 164 -24.62 42.41 8.44
N VAL D 165 -24.40 42.04 9.70
CA VAL D 165 -24.33 43.05 10.76
C VAL D 165 -23.15 43.99 10.51
N LYS D 166 -21.98 43.42 10.30
CA LYS D 166 -20.78 44.15 9.94
C LYS D 166 -20.99 45.09 8.76
N ASN D 167 -21.71 44.63 7.74
CA ASN D 167 -21.80 45.43 6.52
C ASN D 167 -22.96 46.43 6.47
N ALA D 168 -23.79 46.48 7.50
CA ALA D 168 -24.89 47.45 7.51
C ALA D 168 -24.38 48.88 7.39
N THR D 169 -25.19 49.76 6.82
CA THR D 169 -24.75 51.11 6.47
C THR D 169 -25.46 52.24 7.23
N ASN D 170 -26.43 51.89 8.06
CA ASN D 170 -27.12 52.86 8.89
C ASN D 170 -27.78 52.21 10.10
N GLU D 171 -28.22 53.00 11.07
CA GLU D 171 -28.68 52.44 12.35
C GLU D 171 -29.90 51.53 12.14
N GLN D 172 -30.83 51.93 11.28
CA GLN D 172 -32.01 51.11 11.01
C GLN D 172 -31.65 49.72 10.47
N ASP D 173 -30.85 49.70 9.40
CA ASP D 173 -30.47 48.43 8.79
C ASP D 173 -29.56 47.62 9.71
N LEU D 174 -28.77 48.29 10.55
CA LEU D 174 -27.96 47.60 11.55
C LEU D 174 -28.82 46.86 12.55
N ALA D 175 -29.86 47.56 13.03
CA ALA D 175 -30.83 46.99 13.96
C ALA D 175 -31.55 45.79 13.32
N ASN D 176 -31.93 45.93 12.06
CA ASN D 176 -32.60 44.81 11.39
C ASN D 176 -31.70 43.59 11.20
N ARG D 177 -30.46 43.80 10.74
CA ARG D 177 -29.55 42.68 10.55
C ARG D 177 -29.27 42.02 11.91
N PHE D 178 -29.25 42.81 12.97
CA PHE D 178 -28.96 42.20 14.27
C PHE D 178 -30.18 41.42 14.76
N LYS D 179 -31.37 41.91 14.42
CA LYS D 179 -32.63 41.21 14.66
C LYS D 179 -32.60 39.82 14.02
N GLU D 180 -32.23 39.78 12.75
CA GLU D 180 -32.10 38.51 12.02
C GLU D 180 -31.05 37.61 12.64
N PHE D 181 -29.90 38.17 12.97
CA PHE D 181 -28.87 37.39 13.61
C PHE D 181 -29.40 36.72 14.86
N GLY D 182 -30.16 37.45 15.68
CA GLY D 182 -30.63 36.90 16.94
C GLY D 182 -31.48 35.63 16.76
N LYS D 183 -32.37 35.69 15.78
CA LYS D 183 -33.26 34.57 15.45
C LYS D 183 -32.48 33.31 15.09
N GLU D 184 -31.43 33.45 14.28
CA GLU D 184 -30.56 32.31 14.02
C GLU D 184 -29.76 31.87 15.24
N MET D 185 -29.33 32.86 16.03
CA MET D 185 -28.42 32.62 17.12
C MET D 185 -29.06 31.72 18.15
N VAL D 186 -30.36 31.90 18.37
CA VAL D 186 -31.04 31.08 19.38
C VAL D 186 -31.16 29.61 18.93
N LYS D 187 -31.31 29.39 17.63
CA LYS D 187 -31.33 28.03 17.13
C LYS D 187 -29.95 27.43 17.36
N LEU D 188 -28.93 28.10 16.83
CA LEU D 188 -27.55 27.63 16.97
C LEU D 188 -27.16 27.32 18.42
N ASN D 189 -27.69 28.08 19.38
CA ASN D 189 -27.25 27.95 20.76
C ASN D 189 -27.62 26.62 21.42
N TYR D 190 -28.84 26.15 21.17
CA TYR D 190 -29.28 24.90 21.76
C TYR D 190 -28.50 23.74 21.14
N VAL D 191 -28.49 23.70 19.82
CA VAL D 191 -27.74 22.70 19.05
C VAL D 191 -26.31 22.58 19.52
N ALA D 192 -25.62 23.73 19.60
CA ALA D 192 -24.23 23.77 20.03
C ALA D 192 -24.09 23.29 21.46
N ALA D 193 -25.00 23.70 22.35
CA ALA D 193 -24.94 23.27 23.75
C ALA D 193 -25.17 21.76 23.92
N ARG D 194 -26.14 21.23 23.19
CA ARG D 194 -26.46 19.81 23.09
C ARG D 194 -25.21 19.04 22.66
N ARG D 195 -24.58 19.52 21.59
CA ARG D 195 -23.37 18.90 21.07
C ARG D 195 -22.31 18.91 22.13
N GLN D 196 -22.18 20.05 22.80
CA GLN D 196 -21.19 20.23 23.84
C GLN D 196 -21.39 19.20 24.95
N GLN D 197 -22.65 18.92 25.27
CA GLN D 197 -23.01 17.93 26.29
C GLN D 197 -22.64 16.50 25.88
N GLU D 198 -22.55 16.25 24.58
CA GLU D 198 -22.22 14.91 24.09
C GLU D 198 -20.73 14.55 24.15
N LEU D 199 -19.85 15.54 24.07
CA LEU D 199 -18.42 15.24 23.96
C LEU D 199 -17.88 14.58 25.24
N LYS D 200 -17.22 13.43 25.06
CA LYS D 200 -16.74 12.65 26.20
C LYS D 200 -15.49 13.27 26.82
N ASP D 201 -14.61 13.79 25.97
CA ASP D 201 -13.34 14.39 26.41
C ASP D 201 -13.52 15.83 26.89
N PRO D 202 -13.32 16.06 28.20
CA PRO D 202 -13.55 17.38 28.82
C PRO D 202 -12.66 18.48 28.24
N HIS D 203 -11.50 18.12 27.68
CA HIS D 203 -10.68 19.10 26.98
C HIS D 203 -11.49 19.68 25.84
N CYS D 204 -11.98 18.78 24.99
CA CYS D 204 -12.84 19.15 23.88
C CYS D 204 -14.06 19.93 24.36
N ARG D 205 -14.70 19.39 25.39
CA ARG D 205 -15.93 19.95 25.93
C ARG D 205 -15.76 21.43 26.32
N ASP D 206 -14.78 21.68 27.19
CA ASP D 206 -14.54 23.02 27.69
C ASP D 206 -14.05 23.94 26.58
N GLU D 207 -13.22 23.40 25.67
CA GLU D 207 -12.78 24.19 24.51
C GLU D 207 -13.97 24.72 23.70
N MET D 208 -14.95 23.84 23.50
CA MET D 208 -16.15 24.22 22.79
C MET D 208 -16.93 25.28 23.57
N ALA D 209 -16.97 25.13 24.90
CA ALA D 209 -17.66 26.12 25.74
C ALA D 209 -17.03 27.51 25.58
N ALA D 210 -15.71 27.54 25.52
CA ALA D 210 -14.99 28.80 25.34
C ALA D 210 -15.24 29.40 23.95
N ALA D 211 -15.26 28.58 22.91
CA ALA D 211 -15.51 29.10 21.58
C ALA D 211 -16.92 29.69 21.49
N ARG D 212 -17.86 29.04 22.18
CA ARG D 212 -19.24 29.49 22.15
C ARG D 212 -19.43 30.82 22.91
N GLY D 213 -18.81 30.88 24.09
CA GLY D 213 -18.76 32.11 24.87
C GLY D 213 -18.15 33.22 24.04
N ALA D 214 -17.04 32.93 23.38
CA ALA D 214 -16.38 33.93 22.55
C ALA D 214 -17.30 34.43 21.43
N LEU D 215 -18.05 33.53 20.81
CA LEU D 215 -18.98 33.97 19.77
C LEU D 215 -19.99 34.94 20.36
N LYS D 216 -20.59 34.55 21.49
CA LYS D 216 -21.63 35.37 22.09
C LYS D 216 -21.07 36.77 22.42
N LYS D 217 -19.91 36.81 23.04
CA LYS D 217 -19.26 38.06 23.44
C LYS D 217 -18.97 38.94 22.21
N ASN D 218 -18.45 38.31 21.16
CA ASN D 218 -18.08 39.05 19.97
C ASN D 218 -19.27 39.52 19.16
N ALA D 219 -20.46 38.94 19.38
CA ALA D 219 -21.64 39.45 18.67
C ALA D 219 -22.08 40.82 19.22
N THR D 220 -22.05 40.96 20.53
CA THR D 220 -22.32 42.27 21.11
C THR D 220 -21.23 43.23 20.70
N MET D 221 -19.98 42.82 20.84
CA MET D 221 -18.89 43.71 20.47
C MET D 221 -18.99 44.13 19.00
N LEU D 222 -19.45 43.24 18.15
CA LEU D 222 -19.61 43.58 16.74
C LEU D 222 -20.68 44.62 16.57
N TYR D 223 -21.78 44.46 17.31
CA TYR D 223 -22.86 45.41 17.20
C TYR D 223 -22.39 46.81 17.63
N THR D 224 -21.73 46.85 18.79
CA THR D 224 -21.26 48.11 19.35
C THR D 224 -20.21 48.77 18.44
N ALA D 225 -19.30 47.97 17.89
CA ALA D 225 -18.29 48.46 16.97
C ALA D 225 -18.94 49.08 15.72
N SER D 226 -19.88 48.36 15.12
CA SER D 226 -20.62 48.88 13.98
C SER D 226 -21.33 50.19 14.34
N GLN D 227 -21.86 50.27 15.55
CA GLN D 227 -22.49 51.51 15.96
C GLN D 227 -21.45 52.65 16.04
N ALA D 228 -20.27 52.33 16.55
CA ALA D 228 -19.20 53.31 16.73
C ALA D 228 -18.73 53.83 15.38
N PHE D 229 -18.60 52.94 14.40
CA PHE D 229 -18.30 53.35 13.03
C PHE D 229 -19.38 54.24 12.45
N LEU D 230 -20.64 53.82 12.55
CA LEU D 230 -21.69 54.64 11.95
C LEU D 230 -21.71 56.05 12.57
N ARG D 231 -21.49 56.12 13.88
CA ARG D 231 -21.44 57.40 14.58
C ARG D 231 -20.20 58.22 14.22
N HIS D 232 -19.10 57.56 13.83
CA HIS D 232 -17.86 58.26 13.45
C HIS D 232 -17.17 57.63 12.27
N PRO D 233 -17.78 57.72 11.08
CA PRO D 233 -17.21 57.01 9.91
C PRO D 233 -15.91 57.68 9.47
N ASP D 234 -15.74 58.91 9.94
CA ASP D 234 -14.55 59.72 9.71
C ASP D 234 -13.31 59.13 10.40
N VAL D 235 -13.48 58.60 11.60
CA VAL D 235 -12.39 58.06 12.40
C VAL D 235 -11.96 56.68 11.93
N ALA D 236 -10.68 56.52 11.61
CA ALA D 236 -10.15 55.27 11.05
C ALA D 236 -10.12 54.12 12.06
N ALA D 237 -9.85 54.46 13.31
CA ALA D 237 -9.88 53.51 14.42
C ALA D 237 -11.18 52.70 14.50
N THR D 238 -12.33 53.35 14.22
CA THR D 238 -13.59 52.64 14.33
C THR D 238 -13.73 51.56 13.26
N ARG D 239 -13.46 51.90 12.00
CA ARG D 239 -13.51 50.91 10.93
C ARG D 239 -12.55 49.75 11.20
N ALA D 240 -11.37 50.08 11.72
CA ALA D 240 -10.39 49.03 12.05
C ALA D 240 -10.91 48.08 13.12
N ASN D 241 -11.52 48.65 14.16
CA ASN D 241 -12.01 47.87 15.28
C ASN D 241 -13.19 46.98 14.87
N ARG D 242 -14.13 47.53 14.10
CA ARG D 242 -15.21 46.74 13.55
C ARG D 242 -14.65 45.54 12.78
N ASP D 243 -13.72 45.82 11.85
CA ASP D 243 -13.13 44.73 11.06
C ASP D 243 -12.48 43.67 11.95
N TYR D 244 -11.76 44.14 12.96
CA TYR D 244 -11.06 43.24 13.86
C TYR D 244 -12.03 42.31 14.60
N VAL D 245 -13.12 42.90 15.09
CA VAL D 245 -14.13 42.16 15.84
C VAL D 245 -14.74 41.10 14.94
N PHE D 246 -15.08 41.47 13.71
CA PHE D 246 -15.64 40.47 12.81
C PHE D 246 -14.66 39.32 12.60
N LYS D 247 -13.36 39.63 12.64
CA LYS D 247 -12.37 38.56 12.52
C LYS D 247 -12.46 37.65 13.74
N GLN D 248 -12.68 38.26 14.90
CA GLN D 248 -12.82 37.47 16.13
C GLN D 248 -14.04 36.56 16.11
N VAL D 249 -15.11 37.07 15.51
CA VAL D 249 -16.31 36.30 15.29
C VAL D 249 -15.98 35.08 14.45
N GLN D 250 -15.31 35.32 13.33
CA GLN D 250 -14.96 34.20 12.44
C GLN D 250 -14.09 33.15 13.13
N GLU D 251 -13.15 33.62 13.93
CA GLU D 251 -12.35 32.67 14.70
C GLU D 251 -13.23 31.86 15.65
N ALA D 252 -14.13 32.53 16.37
CA ALA D 252 -14.99 31.86 17.35
C ALA D 252 -15.86 30.77 16.70
N ILE D 253 -16.40 31.08 15.53
CA ILE D 253 -17.22 30.14 14.77
C ILE D 253 -16.41 28.91 14.35
N ALA D 254 -15.24 29.19 13.77
CA ALA D 254 -14.31 28.14 13.38
C ALA D 254 -13.97 27.27 14.57
N GLY D 255 -13.85 27.91 15.74
CA GLY D 255 -13.51 27.21 16.97
C GLY D 255 -14.62 26.29 17.43
N ILE D 256 -15.85 26.73 17.27
CA ILE D 256 -16.97 25.87 17.62
C ILE D 256 -17.01 24.65 16.72
N SER D 257 -17.03 24.85 15.39
CA SER D 257 -17.08 23.71 14.48
C SER D 257 -15.91 22.76 14.71
N SER D 258 -14.73 23.31 14.95
CA SER D 258 -13.59 22.45 15.23
C SER D 258 -13.78 21.62 16.50
N ALA D 259 -14.19 22.26 17.59
CA ALA D 259 -14.31 21.54 18.86
C ALA D 259 -15.43 20.51 18.82
N ALA D 260 -16.43 20.76 17.99
CA ALA D 260 -17.61 19.91 17.89
C ALA D 260 -17.33 18.62 17.14
N GLN D 261 -16.38 18.68 16.22
CA GLN D 261 -15.96 17.52 15.47
C GLN D 261 -14.83 16.82 16.22
N ALA D 262 -14.81 17.00 17.54
CA ALA D 262 -13.78 16.47 18.42
C ALA D 262 -12.41 16.93 17.95
I IOD E . 35.25 -2.77 19.59
I IOD F . 36.24 -5.17 13.88
I IOD G . 54.68 9.49 25.66
I IOD H . 38.35 -10.05 17.30
I IOD I . 45.88 -8.16 8.75
C1 EDO J . 32.95 -16.74 14.18
O1 EDO J . 33.43 -18.04 14.27
C2 EDO J . 31.93 -16.57 15.27
O2 EDO J . 31.31 -15.33 15.07
C1 EDO K . 58.31 6.58 22.29
O1 EDO K . 58.58 5.33 21.67
C2 EDO K . 58.38 6.53 23.80
O2 EDO K . 57.83 7.72 24.31
C1 EDO L . 32.40 -2.37 21.85
O1 EDO L . 31.65 -3.41 21.27
C2 EDO L . 32.97 -2.83 23.17
O2 EDO L . 33.82 -3.92 22.96
C1 PEG M . 43.73 -11.11 17.93
O1 PEG M . 42.55 -11.71 18.45
C2 PEG M . 44.47 -10.30 19.06
O2 PEG M . 45.25 -9.23 18.51
C3 PEG M . 46.29 -9.56 17.60
C4 PEG M . 47.35 -10.43 18.26
O4 PEG M . 48.62 -10.16 17.69
I IOD N . 5.18 5.08 -28.11
I IOD O . 5.83 -0.19 -24.71
I IOD P . -18.01 10.18 -29.02
I IOD Q . 5.25 -2.85 -30.42
I IOD R . -1.33 -8.70 -22.98
C1 EDO S . 13.04 -7.56 -31.01
O1 EDO S . 13.44 -8.86 -31.32
C2 EDO S . 14.20 -6.65 -31.30
O2 EDO S . 13.94 -5.42 -30.66
C1 EDO T . -19.71 4.59 -28.94
O1 EDO T . -19.53 3.66 -27.89
C2 EDO T . -19.93 6.00 -28.42
O2 EDO T . -20.18 6.82 -29.54
C1 EDO U . 6.60 7.47 -30.97
O1 EDO U . 6.94 6.20 -31.46
C2 EDO U . 7.62 7.94 -29.95
O2 EDO U . 7.98 6.87 -29.09
I IOD V . -29.45 -6.88 -18.20
I IOD W . -28.50 -7.64 -12.02
I IOD X . -48.49 -19.69 -24.16
I IOD Y . -24.85 -12.44 -14.11
I IOD Z . -31.08 -16.25 -5.29
C1 EDO AA . -16.75 -10.11 -10.27
O1 EDO AA . -15.76 -11.05 -9.95
C2 EDO AA . -16.25 -9.33 -11.45
O2 EDO AA . -17.11 -8.23 -11.66
C1 EDO BA . -47.43 -23.93 -20.27
O1 EDO BA . -47.41 -23.92 -18.85
C2 EDO BA . -48.55 -23.06 -20.82
O2 EDO BA . -48.53 -23.15 -22.22
C1 EDO CA . -27.87 -5.48 -21.72
O1 EDO CA . -27.49 -6.84 -21.70
C2 EDO CA . -27.51 -4.83 -20.40
O2 EDO CA . -26.69 -3.71 -20.65
C1 PEG DA . -28.60 -20.40 -13.74
O1 PEG DA . -29.58 -21.20 -13.10
C2 PEG DA . -29.00 -18.89 -13.66
O2 PEG DA . -28.42 -18.13 -14.74
C3 PEG DA . -27.02 -18.24 -14.93
C4 PEG DA . -26.25 -17.58 -13.80
O4 PEG DA . -25.20 -16.81 -14.33
I IOD EA . -28.04 32.73 22.68
I IOD FA . -23.39 29.13 20.55
I IOD GA . -21.68 55.36 19.51
I IOD HA . -21.50 29.52 26.56
I IOD IA . -12.37 31.23 19.75
C1 EDO JA . -22.52 20.43 29.30
O1 EDO JA . -23.36 20.94 28.29
C2 EDO JA . -21.11 20.75 28.89
O2 EDO JA . -20.26 20.17 29.84
C1 EDO KA . -16.06 54.53 19.57
O1 EDO KA . -15.06 53.69 20.12
C2 EDO KA . -16.84 55.30 20.62
O2 EDO KA . -17.98 55.84 19.98
C1 EDO LA . -31.30 31.99 23.83
O1 EDO LA . -31.84 30.70 24.10
C2 EDO LA . -31.47 32.87 25.04
O2 EDO LA . -30.44 32.59 25.97
#